data_4LNJ
#
_entry.id   4LNJ
#
_cell.length_a   76.620
_cell.length_b   100.790
_cell.length_c   176.080
_cell.angle_alpha   90.00
_cell.angle_beta   90.00
_cell.angle_gamma   90.00
#
_symmetry.space_group_name_H-M   'C 2 2 21'
#
loop_
_entity.id
_entity.type
_entity.pdbx_description
1 polymer 'Low-specificity L-threonine aldolase'
2 non-polymer 'MAGNESIUM ION'
3 non-polymer '(5-HYDROXY-4,6-DIMETHYLPYRIDIN-3-YL)METHYL DIHYDROGEN PHOSPHATE'
4 non-polymer '4-(2-HYDROXYETHYL)-1-PIPERAZINE ETHANESULFONIC ACID'
5 water water
#
_entity_poly.entity_id   1
_entity_poly.type   'polypeptide(L)'
_entity_poly.pdbx_seq_one_letter_code
;MIDLRSDTVTRPSRAMLEAMMAAPVGDDVYGDDPTVNALQDYAAELSGKEAAIFLPTGTQANLVALLSHCERGEEYIVGQ
AAHNYLFEAGGAAVLGSIQPQPIDAAADGTLPLDKVAMKIKPDDIHFARTKLLSLENTHNGKVLPREYLKEAWEFTRKRN
LALHVDGARIFNAVVAYGCELKEITQYCDSFTICLSKGLGTPVGSLLVGNRDYIKRAIRWRKMTGGGMRQSGILAAAGMY
ALKNNVARLQEDHDNTAWMAEQLREAGADVMRQDTNMLFVRVGEENAAALGEYMKARNVLINASPIVRLVTHLDVSRAQL
AEVAAHWRAFLAR
;
_entity_poly.pdbx_strand_id   A,B
#
# COMPACT_ATOMS: atom_id res chain seq x y z
N MET A 1 -8.52 -33.23 20.46
CA MET A 1 -7.07 -32.85 20.40
C MET A 1 -6.87 -31.42 20.91
N ILE A 2 -5.62 -31.09 21.24
CA ILE A 2 -5.31 -29.75 21.74
C ILE A 2 -4.84 -28.86 20.60
N ASP A 3 -5.65 -27.88 20.22
CA ASP A 3 -5.33 -26.98 19.12
C ASP A 3 -5.14 -25.53 19.56
N LEU A 4 -3.93 -25.00 19.41
CA LEU A 4 -3.64 -23.63 19.79
C LEU A 4 -3.25 -22.77 18.58
N ARG A 5 -3.59 -23.22 17.38
CA ARG A 5 -3.25 -22.50 16.16
C ARG A 5 -4.11 -21.27 15.94
N SER A 6 -5.39 -21.37 16.30
CA SER A 6 -6.30 -20.25 16.10
C SER A 6 -7.61 -20.52 16.80
N ASP A 7 -8.33 -19.46 17.14
CA ASP A 7 -9.62 -19.63 17.78
C ASP A 7 -10.67 -19.93 16.72
N THR A 8 -10.21 -20.09 15.48
CA THR A 8 -11.11 -20.40 14.37
C THR A 8 -11.46 -21.88 14.35
N VAL A 9 -10.70 -22.67 15.10
CA VAL A 9 -10.92 -24.12 15.16
C VAL A 9 -12.05 -24.49 16.11
N THR A 10 -12.67 -23.50 16.71
CA THR A 10 -13.77 -23.73 17.64
C THR A 10 -14.90 -24.54 16.99
N ARG A 11 -15.34 -25.60 17.69
CA ARG A 11 -16.40 -26.47 17.20
C ARG A 11 -17.72 -26.26 17.95
N PRO A 12 -18.85 -26.56 17.29
CA PRO A 12 -20.21 -26.41 17.86
C PRO A 12 -20.41 -27.09 19.21
N SER A 13 -21.07 -26.40 20.13
CA SER A 13 -21.35 -26.97 21.43
C SER A 13 -22.67 -27.73 21.31
N ARG A 14 -22.97 -28.60 22.26
CA ARG A 14 -24.21 -29.37 22.22
C ARG A 14 -25.38 -28.39 22.07
N ALA A 15 -25.43 -27.41 22.96
CA ALA A 15 -26.49 -26.41 22.96
C ALA A 15 -26.60 -25.66 21.62
N MET A 16 -25.46 -25.31 21.05
CA MET A 16 -25.42 -24.59 19.78
C MET A 16 -26.02 -25.44 18.66
N LEU A 17 -25.58 -26.70 18.59
CA LEU A 17 -26.05 -27.63 17.57
C LEU A 17 -27.56 -27.81 17.59
N GLU A 18 -28.14 -27.89 18.78
CA GLU A 18 -29.58 -28.06 18.90
C GLU A 18 -30.31 -26.77 18.53
N ALA A 19 -29.68 -25.64 18.82
CA ALA A 19 -30.29 -24.35 18.48
C ALA A 19 -30.40 -24.28 16.96
N MET A 20 -29.36 -24.78 16.29
CA MET A 20 -29.30 -24.78 14.84
C MET A 20 -30.34 -25.69 14.21
N MET A 21 -30.36 -26.95 14.64
CA MET A 21 -31.31 -27.91 14.10
C MET A 21 -32.74 -27.47 14.38
N ALA A 22 -32.90 -26.61 15.39
CA ALA A 22 -34.22 -26.11 15.79
C ALA A 22 -34.68 -24.88 15.03
N ALA A 23 -33.74 -24.00 14.70
CA ALA A 23 -34.05 -22.76 14.00
C ALA A 23 -34.91 -22.89 12.75
N PRO A 24 -35.84 -21.93 12.57
CA PRO A 24 -36.74 -21.88 11.41
C PRO A 24 -35.98 -21.12 10.31
N VAL A 25 -36.11 -21.57 9.07
CA VAL A 25 -35.40 -20.90 7.98
C VAL A 25 -36.26 -20.51 6.79
N GLY A 26 -35.62 -19.89 5.81
CA GLY A 26 -36.28 -19.44 4.61
C GLY A 26 -35.24 -19.07 3.57
N ASP A 27 -35.65 -18.35 2.52
CA ASP A 27 -34.71 -17.94 1.47
C ASP A 27 -34.27 -16.50 1.76
N ASP A 28 -33.04 -16.33 2.25
CA ASP A 28 -32.53 -15.00 2.59
C ASP A 28 -32.30 -14.08 1.39
N VAL A 29 -32.24 -14.64 0.19
CA VAL A 29 -32.04 -13.81 -0.99
C VAL A 29 -33.28 -12.92 -1.09
N TYR A 30 -34.40 -13.48 -0.67
CA TYR A 30 -35.68 -12.77 -0.67
C TYR A 30 -35.86 -12.13 0.70
N GLY A 31 -35.04 -12.57 1.66
CA GLY A 31 -35.11 -12.04 3.01
C GLY A 31 -36.16 -12.74 3.86
N ASP A 32 -36.50 -13.97 3.50
CA ASP A 32 -37.51 -14.74 4.21
C ASP A 32 -36.98 -15.65 5.32
N ASP A 33 -35.78 -15.38 5.81
CA ASP A 33 -35.26 -16.22 6.88
C ASP A 33 -35.38 -15.50 8.22
N PRO A 34 -36.26 -16.01 9.10
CA PRO A 34 -36.53 -15.46 10.43
C PRO A 34 -35.27 -15.36 11.28
N THR A 35 -34.47 -16.42 11.26
CA THR A 35 -33.24 -16.48 12.03
C THR A 35 -32.16 -15.50 11.55
N VAL A 36 -31.95 -15.40 10.23
CA VAL A 36 -30.94 -14.48 9.73
C VAL A 36 -31.33 -13.07 10.13
N ASN A 37 -32.60 -12.74 9.92
CA ASN A 37 -33.14 -11.44 10.25
C ASN A 37 -33.02 -11.16 11.73
N ALA A 38 -33.28 -12.19 12.54
CA ALA A 38 -33.20 -12.04 13.99
C ALA A 38 -31.78 -11.77 14.44
N LEU A 39 -30.82 -12.48 13.85
CA LEU A 39 -29.41 -12.28 14.19
C LEU A 39 -29.00 -10.87 13.75
N GLN A 40 -29.36 -10.50 12.53
CA GLN A 40 -29.02 -9.18 12.01
C GLN A 40 -29.60 -8.04 12.86
N ASP A 41 -30.85 -8.17 13.29
CA ASP A 41 -31.46 -7.13 14.11
C ASP A 41 -30.87 -7.09 15.51
N TYR A 42 -30.51 -8.25 16.05
CA TYR A 42 -29.91 -8.31 17.38
C TYR A 42 -28.58 -7.58 17.40
N ALA A 43 -27.72 -7.90 16.44
CA ALA A 43 -26.42 -7.24 16.35
C ALA A 43 -26.64 -5.74 16.21
N ALA A 44 -27.46 -5.36 15.23
CA ALA A 44 -27.76 -3.95 15.00
C ALA A 44 -28.14 -3.25 16.30
N GLU A 45 -29.17 -3.78 16.96
CA GLU A 45 -29.65 -3.21 18.22
C GLU A 45 -28.57 -3.23 19.30
N LEU A 46 -27.89 -4.37 19.43
CA LEU A 46 -26.86 -4.52 20.43
C LEU A 46 -25.73 -3.50 20.29
N SER A 47 -25.44 -3.09 19.05
CA SER A 47 -24.36 -2.16 18.77
C SER A 47 -24.79 -0.71 18.57
N GLY A 48 -26.09 -0.46 18.61
CA GLY A 48 -26.57 0.90 18.42
C GLY A 48 -26.51 1.35 16.97
N LYS A 49 -26.65 0.40 16.05
CA LYS A 49 -26.62 0.73 14.63
C LYS A 49 -27.97 0.42 14.00
N GLU A 50 -28.18 0.96 12.80
CA GLU A 50 -29.41 0.79 12.05
C GLU A 50 -29.64 -0.58 11.44
N ALA A 51 -28.61 -1.15 10.83
CA ALA A 51 -28.76 -2.44 10.18
C ALA A 51 -27.49 -3.26 10.12
N ALA A 52 -27.67 -4.57 9.97
CA ALA A 52 -26.56 -5.51 9.88
C ALA A 52 -26.84 -6.50 8.76
N ILE A 53 -25.80 -7.21 8.33
CA ILE A 53 -25.92 -8.18 7.26
C ILE A 53 -25.00 -9.38 7.53
N PHE A 54 -25.50 -10.58 7.27
CA PHE A 54 -24.76 -11.82 7.50
C PHE A 54 -23.97 -12.29 6.28
N LEU A 55 -22.67 -12.53 6.47
CA LEU A 55 -21.81 -13.01 5.39
C LEU A 55 -21.12 -14.32 5.76
N PRO A 56 -20.68 -15.10 4.76
CA PRO A 56 -20.00 -16.37 5.00
C PRO A 56 -18.69 -16.23 5.78
N THR A 57 -17.91 -15.19 5.49
CA THR A 57 -16.65 -15.00 6.18
C THR A 57 -16.31 -13.58 6.60
N GLY A 58 -15.32 -13.49 7.47
CA GLY A 58 -14.86 -12.20 7.94
C GLY A 58 -14.14 -11.55 6.78
N THR A 59 -13.54 -12.39 5.95
CA THR A 59 -12.84 -11.89 4.77
C THR A 59 -13.86 -11.20 3.87
N GLN A 60 -14.98 -11.86 3.60
CA GLN A 60 -15.99 -11.25 2.74
C GLN A 60 -16.67 -10.08 3.42
N ALA A 61 -16.69 -10.09 4.75
CA ALA A 61 -17.30 -9.00 5.49
C ALA A 61 -16.50 -7.72 5.25
N ASN A 62 -15.18 -7.82 5.32
CA ASN A 62 -14.31 -6.66 5.11
C ASN A 62 -14.26 -6.22 3.64
N LEU A 63 -14.23 -7.18 2.73
CA LEU A 63 -14.20 -6.87 1.30
C LEU A 63 -15.44 -6.04 0.96
N VAL A 64 -16.59 -6.57 1.39
CA VAL A 64 -17.87 -5.91 1.15
C VAL A 64 -17.87 -4.59 1.90
N ALA A 65 -17.27 -4.58 3.10
CA ALA A 65 -17.23 -3.35 3.89
C ALA A 65 -16.44 -2.28 3.13
N LEU A 66 -15.32 -2.68 2.52
CA LEU A 66 -14.47 -1.76 1.77
C LEU A 66 -15.08 -1.30 0.44
N LEU A 67 -15.71 -2.22 -0.27
CA LEU A 67 -16.34 -1.87 -1.53
C LEU A 67 -17.47 -0.88 -1.23
N SER A 68 -18.18 -1.13 -0.14
CA SER A 68 -19.31 -0.27 0.24
C SER A 68 -18.92 1.14 0.63
N HIS A 69 -17.70 1.30 1.16
CA HIS A 69 -17.19 2.61 1.58
C HIS A 69 -16.46 3.39 0.49
N CYS A 70 -15.71 2.69 -0.35
CA CYS A 70 -14.89 3.33 -1.38
C CYS A 70 -15.20 3.02 -2.83
N GLU A 71 -15.32 4.06 -3.64
CA GLU A 71 -15.57 3.85 -5.06
C GLU A 71 -14.26 3.66 -5.77
N ARG A 72 -14.36 3.29 -7.04
CA ARG A 72 -13.19 3.08 -7.87
C ARG A 72 -12.32 4.34 -7.78
N GLY A 73 -11.07 4.18 -7.38
CA GLY A 73 -10.19 5.33 -7.30
C GLY A 73 -10.08 5.97 -5.93
N GLU A 74 -10.95 5.56 -5.01
CA GLU A 74 -10.88 6.08 -3.66
C GLU A 74 -9.85 5.25 -2.94
N GLU A 75 -9.46 5.66 -1.74
CA GLU A 75 -8.43 4.95 -1.00
C GLU A 75 -8.70 4.84 0.49
N TYR A 76 -8.19 3.77 1.10
CA TYR A 76 -8.37 3.60 2.53
C TYR A 76 -7.02 3.51 3.22
N ILE A 77 -6.92 4.16 4.38
CA ILE A 77 -5.70 4.13 5.17
C ILE A 77 -5.90 3.01 6.17
N VAL A 78 -4.98 2.05 6.18
CA VAL A 78 -5.10 0.90 7.05
C VAL A 78 -3.73 0.53 7.60
N GLY A 79 -3.68 -0.46 8.49
CA GLY A 79 -2.40 -0.87 9.05
C GLY A 79 -1.62 -1.83 8.17
N GLN A 80 -0.34 -1.56 8.00
CA GLN A 80 0.54 -2.42 7.21
C GLN A 80 0.35 -3.89 7.54
N ALA A 81 -0.10 -4.17 8.76
CA ALA A 81 -0.31 -5.55 9.22
C ALA A 81 -1.76 -5.88 9.52
N ALA A 82 -2.67 -5.02 9.05
CA ALA A 82 -4.10 -5.24 9.29
C ALA A 82 -4.60 -6.37 8.39
N HIS A 83 -5.68 -7.00 8.83
CA HIS A 83 -6.23 -8.11 8.06
C HIS A 83 -6.77 -7.73 6.68
N ASN A 84 -7.63 -6.71 6.59
CA ASN A 84 -8.16 -6.37 5.28
C ASN A 84 -7.19 -5.67 4.34
N TYR A 85 -5.91 -5.69 4.69
CA TYR A 85 -4.89 -5.13 3.81
C TYR A 85 -3.90 -6.25 3.46
N LEU A 86 -3.32 -6.85 4.50
CA LEU A 86 -2.34 -7.91 4.34
C LEU A 86 -2.84 -9.35 4.19
N PHE A 87 -3.83 -9.73 4.99
CA PHE A 87 -4.32 -11.12 4.97
C PHE A 87 -5.56 -11.45 4.15
N GLU A 88 -5.92 -10.60 3.20
CA GLU A 88 -7.09 -10.86 2.37
C GLU A 88 -6.72 -10.79 0.89
N ALA A 89 -5.61 -11.45 0.58
CA ALA A 89 -5.05 -11.55 -0.76
C ALA A 89 -5.15 -10.27 -1.59
N GLY A 90 -5.23 -9.12 -0.92
CA GLY A 90 -5.31 -7.84 -1.62
C GLY A 90 -6.61 -7.61 -2.35
N GLY A 91 -7.68 -8.25 -1.89
CA GLY A 91 -8.98 -8.12 -2.52
C GLY A 91 -9.46 -6.70 -2.83
N ALA A 92 -9.32 -5.80 -1.86
CA ALA A 92 -9.76 -4.42 -2.05
C ALA A 92 -9.19 -3.77 -3.32
N ALA A 93 -7.90 -4.01 -3.60
CA ALA A 93 -7.28 -3.43 -4.78
C ALA A 93 -7.51 -4.27 -6.03
N VAL A 94 -7.28 -5.58 -5.89
CA VAL A 94 -7.44 -6.51 -7.00
C VAL A 94 -8.89 -6.54 -7.51
N LEU A 95 -9.82 -6.80 -6.61
CA LEU A 95 -11.24 -6.87 -6.96
C LEU A 95 -12.01 -5.55 -6.90
N GLY A 96 -11.81 -4.80 -5.82
CA GLY A 96 -12.54 -3.54 -5.65
C GLY A 96 -12.06 -2.27 -6.31
N SER A 97 -10.84 -2.28 -6.84
CA SER A 97 -10.26 -1.12 -7.50
C SER A 97 -10.06 0.05 -6.55
N ILE A 98 -9.76 -0.30 -5.30
CA ILE A 98 -9.53 0.67 -4.24
C ILE A 98 -8.03 0.72 -3.96
N GLN A 99 -7.45 1.91 -3.95
CA GLN A 99 -6.04 2.05 -3.66
C GLN A 99 -5.84 1.93 -2.16
N PRO A 100 -4.94 1.03 -1.73
CA PRO A 100 -4.72 0.92 -0.28
C PRO A 100 -3.54 1.78 0.14
N GLN A 101 -3.66 2.41 1.30
CA GLN A 101 -2.59 3.25 1.84
C GLN A 101 -2.27 2.75 3.23
N PRO A 102 -1.40 1.74 3.33
CA PRO A 102 -1.01 1.16 4.61
C PRO A 102 0.11 1.91 5.32
N ILE A 103 0.07 1.88 6.65
CA ILE A 103 1.08 2.51 7.49
C ILE A 103 1.29 1.62 8.71
N ASP A 104 2.50 1.64 9.27
CA ASP A 104 2.80 0.82 10.43
C ASP A 104 2.00 1.22 11.65
N ALA A 105 1.44 0.23 12.34
CA ALA A 105 0.68 0.51 13.54
C ALA A 105 1.68 0.79 14.66
N ALA A 106 1.22 1.42 15.73
CA ALA A 106 2.07 1.72 16.87
C ALA A 106 2.08 0.48 17.74
N ALA A 107 2.98 0.42 18.72
CA ALA A 107 3.08 -0.75 19.59
C ALA A 107 1.76 -1.12 20.26
N ASP A 108 0.96 -0.13 20.65
CA ASP A 108 -0.31 -0.44 21.30
C ASP A 108 -1.37 -0.91 20.28
N GLY A 109 -0.99 -0.95 19.01
CA GLY A 109 -1.89 -1.40 17.96
C GLY A 109 -2.70 -0.37 17.20
N THR A 110 -2.59 0.89 17.61
CA THR A 110 -3.34 1.94 16.96
C THR A 110 -2.60 2.52 15.76
N LEU A 111 -3.29 3.32 14.97
CA LEU A 111 -2.67 3.97 13.83
C LEU A 111 -2.48 5.44 14.22
N PRO A 112 -1.23 5.83 14.49
CA PRO A 112 -0.90 7.21 14.88
C PRO A 112 -1.64 8.20 13.97
N LEU A 113 -2.52 8.99 14.56
CA LEU A 113 -3.30 9.94 13.80
C LEU A 113 -2.41 10.96 13.06
N ASP A 114 -1.25 11.26 13.62
CA ASP A 114 -0.34 12.21 12.97
C ASP A 114 0.12 11.59 11.64
N LYS A 115 0.25 10.27 11.61
CA LYS A 115 0.64 9.56 10.40
C LYS A 115 -0.54 9.50 9.44
N VAL A 116 -1.73 9.22 9.98
CA VAL A 116 -2.93 9.14 9.17
C VAL A 116 -3.15 10.48 8.48
N ALA A 117 -2.98 11.57 9.22
CA ALA A 117 -3.17 12.90 8.64
C ALA A 117 -2.16 13.13 7.52
N MET A 118 -0.91 12.72 7.72
CA MET A 118 0.12 12.90 6.70
C MET A 118 -0.18 12.14 5.41
N LYS A 119 -1.00 11.11 5.50
CA LYS A 119 -1.34 10.31 4.32
C LYS A 119 -2.59 10.73 3.59
N ILE A 120 -3.34 11.66 4.14
CA ILE A 120 -4.55 12.10 3.47
C ILE A 120 -4.09 12.91 2.27
N LYS A 121 -4.49 12.47 1.08
CA LYS A 121 -4.08 13.14 -0.15
C LYS A 121 -4.94 14.36 -0.50
N PRO A 122 -4.31 15.40 -1.07
CA PRO A 122 -5.02 16.62 -1.45
C PRO A 122 -5.91 16.32 -2.63
N ASP A 123 -6.86 17.20 -2.90
CA ASP A 123 -7.74 16.99 -4.04
C ASP A 123 -6.98 17.40 -5.30
N ASP A 124 -6.04 16.54 -5.71
CA ASP A 124 -5.22 16.77 -6.88
C ASP A 124 -5.26 15.51 -7.74
N ILE A 125 -5.30 15.68 -9.06
CA ILE A 125 -5.36 14.53 -9.95
C ILE A 125 -4.16 13.60 -9.85
N HIS A 126 -3.14 14.01 -9.10
CA HIS A 126 -1.94 13.20 -8.88
C HIS A 126 -2.26 11.98 -8.02
N PHE A 127 -3.07 12.22 -7.00
CA PHE A 127 -3.39 11.21 -6.00
C PHE A 127 -4.73 10.52 -6.00
N ALA A 128 -4.78 9.40 -5.29
CA ALA A 128 -6.01 8.64 -5.14
C ALA A 128 -6.83 9.49 -4.17
N ARG A 129 -8.13 9.22 -4.06
CA ARG A 129 -8.98 10.01 -3.17
C ARG A 129 -9.20 9.33 -1.82
N THR A 130 -8.47 9.77 -0.79
CA THR A 130 -8.61 9.21 0.55
C THR A 130 -10.07 9.26 0.97
N LYS A 131 -10.62 8.11 1.37
CA LYS A 131 -12.01 8.05 1.76
C LYS A 131 -12.23 7.40 3.10
N LEU A 132 -11.55 6.28 3.32
CA LEU A 132 -11.74 5.52 4.54
C LEU A 132 -10.53 5.30 5.43
N LEU A 133 -10.80 5.20 6.72
CA LEU A 133 -9.78 4.90 7.72
C LEU A 133 -10.25 3.58 8.33
N SER A 134 -9.46 2.53 8.17
CA SER A 134 -9.82 1.24 8.71
C SER A 134 -9.01 0.92 9.95
N LEU A 135 -9.67 0.41 10.97
CA LEU A 135 -8.98 0.05 12.20
C LEU A 135 -9.27 -1.41 12.44
N GLU A 136 -8.69 -1.95 13.50
CA GLU A 136 -8.87 -3.35 13.83
C GLU A 136 -8.84 -3.49 15.35
N ASN A 137 -10.00 -3.35 16.01
CA ASN A 137 -9.99 -3.46 17.45
C ASN A 137 -9.88 -4.90 17.84
N THR A 138 -8.68 -5.17 18.35
CA THR A 138 -8.18 -6.45 18.76
C THR A 138 -7.33 -6.71 17.53
N HIS A 139 -6.07 -6.34 17.66
CA HIS A 139 -5.07 -6.49 16.62
C HIS A 139 -4.03 -7.41 17.19
N ASN A 140 -4.02 -8.67 16.73
CA ASN A 140 -3.10 -9.66 17.24
C ASN A 140 -3.27 -9.75 18.75
N GLY A 141 -4.52 -9.64 19.19
CA GLY A 141 -4.81 -9.74 20.61
C GLY A 141 -4.85 -8.42 21.37
N LYS A 142 -4.14 -7.42 20.87
CA LYS A 142 -4.10 -6.11 21.53
C LYS A 142 -5.43 -5.38 21.47
N VAL A 143 -5.84 -4.80 22.59
CA VAL A 143 -7.08 -4.04 22.66
C VAL A 143 -6.72 -2.57 22.53
N LEU A 144 -7.32 -1.90 21.56
CA LEU A 144 -7.04 -0.49 21.35
C LEU A 144 -7.46 0.36 22.55
N PRO A 145 -6.67 1.39 22.87
CA PRO A 145 -7.01 2.25 24.01
C PRO A 145 -8.34 2.92 23.71
N ARG A 146 -9.30 2.79 24.62
CA ARG A 146 -10.62 3.40 24.40
C ARG A 146 -10.54 4.86 23.99
N GLU A 147 -9.68 5.62 24.66
CA GLU A 147 -9.52 7.04 24.35
C GLU A 147 -9.15 7.24 22.88
N TYR A 148 -8.33 6.34 22.35
CA TYR A 148 -7.92 6.45 20.95
C TYR A 148 -9.11 6.24 20.01
N LEU A 149 -9.98 5.30 20.33
CA LEU A 149 -11.14 5.06 19.48
C LEU A 149 -11.91 6.37 19.33
N LYS A 150 -12.17 7.03 20.46
CA LYS A 150 -12.90 8.28 20.45
C LYS A 150 -12.16 9.30 19.59
N GLU A 151 -10.84 9.31 19.71
CA GLU A 151 -10.00 10.24 18.96
C GLU A 151 -10.10 10.04 17.45
N ALA A 152 -10.00 8.78 17.01
CA ALA A 152 -10.07 8.48 15.59
C ALA A 152 -11.42 8.88 15.02
N TRP A 153 -12.50 8.51 15.68
CA TRP A 153 -13.83 8.88 15.20
C TRP A 153 -13.89 10.40 15.05
N GLU A 154 -13.53 11.11 16.12
CA GLU A 154 -13.51 12.57 16.09
C GLU A 154 -12.66 13.06 14.93
N PHE A 155 -11.45 12.51 14.82
CA PHE A 155 -10.52 12.89 13.75
C PHE A 155 -11.16 12.74 12.38
N THR A 156 -11.70 11.57 12.09
CA THR A 156 -12.34 11.31 10.81
C THR A 156 -13.50 12.26 10.49
N ARG A 157 -14.36 12.54 11.47
CA ARG A 157 -15.48 13.47 11.22
C ARG A 157 -14.94 14.83 10.80
N LYS A 158 -13.87 15.26 11.47
CA LYS A 158 -13.26 16.55 11.17
C LYS A 158 -12.69 16.58 9.75
N ARG A 159 -12.17 15.44 9.30
CA ARG A 159 -11.57 15.34 7.96
C ARG A 159 -12.51 14.77 6.90
N ASN A 160 -13.75 14.51 7.28
CA ASN A 160 -14.72 13.97 6.34
C ASN A 160 -14.29 12.59 5.83
N LEU A 161 -13.85 11.73 6.73
CA LEU A 161 -13.42 10.39 6.38
C LEU A 161 -14.34 9.39 7.06
N ALA A 162 -14.61 8.27 6.41
CA ALA A 162 -15.46 7.24 6.99
C ALA A 162 -14.56 6.39 7.86
N LEU A 163 -15.13 5.85 8.93
CA LEU A 163 -14.37 5.02 9.85
C LEU A 163 -14.95 3.63 9.93
N HIS A 164 -14.11 2.62 9.68
CA HIS A 164 -14.55 1.25 9.75
C HIS A 164 -13.64 0.46 10.66
N VAL A 165 -14.23 -0.44 11.44
CA VAL A 165 -13.47 -1.26 12.37
C VAL A 165 -13.66 -2.76 12.11
N ASP A 166 -12.53 -3.46 12.01
CA ASP A 166 -12.56 -4.89 11.79
C ASP A 166 -12.76 -5.53 13.16
N GLY A 167 -14.00 -5.86 13.48
CA GLY A 167 -14.29 -6.45 14.76
C GLY A 167 -14.28 -7.97 14.81
N ALA A 168 -13.31 -8.58 14.12
CA ALA A 168 -13.21 -10.03 14.13
C ALA A 168 -13.27 -10.53 15.57
N ARG A 169 -12.51 -9.89 16.44
CA ARG A 169 -12.48 -10.26 17.85
C ARG A 169 -12.85 -9.03 18.68
N ILE A 170 -13.87 -8.31 18.23
CA ILE A 170 -14.31 -7.11 18.93
C ILE A 170 -14.88 -7.42 20.31
N PHE A 171 -15.44 -8.61 20.48
CA PHE A 171 -16.00 -9.01 21.77
C PHE A 171 -14.92 -9.33 22.77
N ASN A 172 -13.73 -9.64 22.28
CA ASN A 172 -12.62 -9.92 23.18
C ASN A 172 -12.27 -8.57 23.78
N ALA A 173 -12.32 -7.53 22.96
CA ALA A 173 -12.03 -6.17 23.38
C ALA A 173 -13.08 -5.71 24.39
N VAL A 174 -14.36 -5.94 24.06
CA VAL A 174 -15.46 -5.57 24.93
C VAL A 174 -15.23 -6.14 26.33
N VAL A 175 -15.09 -7.46 26.40
CA VAL A 175 -14.87 -8.16 27.66
C VAL A 175 -13.67 -7.58 28.39
N ALA A 176 -12.62 -7.26 27.63
CA ALA A 176 -11.43 -6.68 28.24
C ALA A 176 -11.70 -5.27 28.72
N TYR A 177 -12.55 -4.52 28.02
CA TYR A 177 -12.89 -3.15 28.41
C TYR A 177 -13.75 -3.14 29.65
N GLY A 178 -14.74 -4.03 29.67
CA GLY A 178 -15.65 -4.10 30.80
C GLY A 178 -16.88 -3.25 30.53
N CYS A 179 -17.04 -2.82 29.28
CA CYS A 179 -18.18 -2.01 28.90
C CYS A 179 -19.09 -2.76 27.94
N GLU A 180 -20.08 -2.06 27.42
CA GLU A 180 -21.03 -2.66 26.48
C GLU A 180 -20.50 -2.45 25.07
N LEU A 181 -20.96 -3.30 24.14
CA LEU A 181 -20.53 -3.20 22.76
C LEU A 181 -20.84 -1.84 22.14
N LYS A 182 -22.02 -1.30 22.45
CA LYS A 182 -22.43 -0.02 21.89
C LYS A 182 -21.53 1.14 22.32
N GLU A 183 -20.85 1.00 23.46
CA GLU A 183 -19.98 2.06 23.95
C GLU A 183 -18.69 2.25 23.18
N ILE A 184 -18.32 1.28 22.36
CA ILE A 184 -17.11 1.42 21.56
C ILE A 184 -17.53 1.48 20.10
N THR A 185 -18.70 0.92 19.82
CA THR A 185 -19.26 0.89 18.47
C THR A 185 -19.76 2.27 18.05
N GLN A 186 -19.90 3.18 19.01
CA GLN A 186 -20.36 4.53 18.69
C GLN A 186 -19.29 5.31 17.93
N TYR A 187 -18.04 4.88 18.05
CA TYR A 187 -16.93 5.57 17.39
C TYR A 187 -16.51 5.02 16.03
N CYS A 188 -17.46 4.50 15.26
CA CYS A 188 -17.17 3.95 13.95
C CYS A 188 -18.45 3.98 13.11
N ASP A 189 -18.32 4.19 11.81
CA ASP A 189 -19.50 4.21 10.94
C ASP A 189 -19.94 2.78 10.66
N SER A 190 -18.98 1.88 10.61
CA SER A 190 -19.28 0.47 10.37
C SER A 190 -18.24 -0.39 11.09
N PHE A 191 -18.57 -1.66 11.28
CA PHE A 191 -17.66 -2.58 11.93
C PHE A 191 -18.10 -4.00 11.64
N THR A 192 -17.17 -4.94 11.74
CA THR A 192 -17.49 -6.34 11.49
C THR A 192 -17.48 -7.15 12.78
N ILE A 193 -18.15 -8.30 12.74
CA ILE A 193 -18.21 -9.20 13.89
C ILE A 193 -18.03 -10.61 13.38
N CYS A 194 -17.05 -11.32 13.92
CA CYS A 194 -16.84 -12.70 13.50
C CYS A 194 -17.47 -13.59 14.55
N LEU A 195 -18.39 -14.44 14.10
CA LEU A 195 -19.07 -15.36 14.99
C LEU A 195 -18.31 -16.67 15.06
N SER A 196 -17.59 -16.96 13.98
CA SER A 196 -16.84 -18.20 13.80
C SER A 196 -15.56 -18.43 14.61
N LYS A 197 -15.02 -17.39 15.23
CA LYS A 197 -13.79 -17.61 15.99
C LYS A 197 -14.02 -17.81 17.48
N GLY A 198 -13.78 -16.77 18.28
CA GLY A 198 -13.97 -16.91 19.71
C GLY A 198 -15.36 -17.24 20.21
N LEU A 199 -16.39 -16.78 19.51
CA LEU A 199 -17.76 -17.04 19.93
C LEU A 199 -18.21 -18.48 19.70
N GLY A 200 -17.37 -19.28 19.04
CA GLY A 200 -17.67 -20.68 18.81
C GLY A 200 -18.61 -21.09 17.69
N THR A 201 -18.73 -20.25 16.67
CA THR A 201 -19.61 -20.55 15.54
C THR A 201 -18.84 -21.27 14.43
N PRO A 202 -19.54 -22.14 13.67
CA PRO A 202 -18.89 -22.87 12.57
C PRO A 202 -18.55 -21.96 11.40
N VAL A 203 -19.49 -21.11 11.04
CA VAL A 203 -19.33 -20.19 9.93
C VAL A 203 -20.07 -18.89 10.24
N GLY A 204 -19.56 -17.77 9.76
CA GLY A 204 -20.29 -16.55 10.00
C GLY A 204 -19.58 -15.31 10.48
N SER A 205 -20.00 -14.18 9.90
CA SER A 205 -19.46 -12.87 10.21
C SER A 205 -20.57 -11.87 9.93
N LEU A 206 -20.49 -10.69 10.56
CA LEU A 206 -21.49 -9.66 10.36
C LEU A 206 -20.88 -8.31 10.10
N LEU A 207 -21.54 -7.54 9.23
CA LEU A 207 -21.11 -6.20 8.92
C LEU A 207 -22.26 -5.34 9.45
N VAL A 208 -21.92 -4.33 10.23
CA VAL A 208 -22.94 -3.48 10.82
C VAL A 208 -22.70 -2.01 10.48
N GLY A 209 -23.76 -1.31 10.11
CA GLY A 209 -23.64 0.10 9.76
C GLY A 209 -25.00 0.73 9.54
N ASN A 210 -25.04 1.91 8.94
CA ASN A 210 -26.33 2.55 8.71
C ASN A 210 -27.09 1.87 7.56
N ARG A 211 -28.40 2.09 7.52
CA ARG A 211 -29.30 1.51 6.53
C ARG A 211 -28.85 1.61 5.09
N ASP A 212 -28.45 2.81 4.65
CA ASP A 212 -28.02 2.99 3.27
C ASP A 212 -26.74 2.22 2.99
N TYR A 213 -25.79 2.32 3.90
CA TYR A 213 -24.51 1.65 3.74
C TYR A 213 -24.70 0.15 3.55
N ILE A 214 -25.51 -0.43 4.41
CA ILE A 214 -25.76 -1.86 4.34
C ILE A 214 -26.52 -2.25 3.09
N LYS A 215 -27.27 -1.33 2.52
CA LYS A 215 -28.01 -1.66 1.32
C LYS A 215 -27.00 -1.81 0.17
N ARG A 216 -25.94 -1.01 0.20
CA ARG A 216 -24.92 -1.10 -0.82
C ARG A 216 -24.14 -2.39 -0.55
N ALA A 217 -24.03 -2.74 0.72
CA ALA A 217 -23.32 -3.93 1.12
C ALA A 217 -24.05 -5.17 0.56
N ILE A 218 -25.37 -5.09 0.48
CA ILE A 218 -26.15 -6.21 -0.02
C ILE A 218 -25.88 -6.48 -1.50
N ARG A 219 -25.70 -5.43 -2.30
CA ARG A 219 -25.43 -5.63 -3.72
C ARG A 219 -24.03 -6.21 -3.90
N TRP A 220 -23.08 -5.73 -3.11
CA TRP A 220 -21.71 -6.20 -3.20
C TRP A 220 -21.59 -7.64 -2.70
N ARG A 221 -22.29 -7.97 -1.63
CA ARG A 221 -22.25 -9.34 -1.10
C ARG A 221 -22.74 -10.32 -2.17
N LYS A 222 -23.83 -9.97 -2.84
CA LYS A 222 -24.38 -10.85 -3.86
C LYS A 222 -23.34 -11.05 -4.97
N MET A 223 -22.76 -9.94 -5.42
CA MET A 223 -21.76 -9.98 -6.48
C MET A 223 -20.54 -10.81 -6.09
N THR A 224 -20.05 -10.63 -4.87
CA THR A 224 -18.89 -11.38 -4.43
C THR A 224 -19.21 -12.83 -4.10
N GLY A 225 -20.49 -13.17 -4.09
CA GLY A 225 -20.90 -14.54 -3.84
C GLY A 225 -21.45 -14.94 -2.49
N GLY A 226 -21.72 -13.97 -1.62
CA GLY A 226 -22.21 -14.32 -0.30
C GLY A 226 -23.71 -14.42 -0.12
N GLY A 227 -24.47 -14.12 -1.16
CA GLY A 227 -25.92 -14.17 -1.08
C GLY A 227 -26.49 -15.56 -0.93
N MET A 228 -26.48 -16.09 0.30
CA MET A 228 -26.99 -17.43 0.56
C MET A 228 -28.50 -17.55 0.75
N ARG A 229 -28.99 -18.78 0.75
CA ARG A 229 -30.41 -19.08 0.91
C ARG A 229 -30.80 -19.36 2.36
N GLN A 230 -30.99 -20.63 2.71
CA GLN A 230 -31.37 -21.00 4.07
C GLN A 230 -30.21 -20.85 5.05
N SER A 231 -29.73 -19.61 5.21
CA SER A 231 -28.62 -19.34 6.12
C SER A 231 -29.12 -19.42 7.54
N GLY A 232 -30.43 -19.60 7.70
CA GLY A 232 -31.01 -19.68 9.02
C GLY A 232 -30.26 -20.63 9.95
N ILE A 233 -29.94 -21.81 9.45
CA ILE A 233 -29.22 -22.80 10.24
C ILE A 233 -27.91 -22.24 10.80
N LEU A 234 -27.21 -21.41 10.02
CA LEU A 234 -25.95 -20.84 10.46
C LEU A 234 -26.20 -19.68 11.42
N ALA A 235 -27.13 -18.81 11.05
CA ALA A 235 -27.47 -17.64 11.88
C ALA A 235 -27.92 -18.07 13.28
N ALA A 236 -28.62 -19.19 13.36
CA ALA A 236 -29.10 -19.69 14.64
C ALA A 236 -27.94 -19.83 15.61
N ALA A 237 -26.87 -20.46 15.15
CA ALA A 237 -25.69 -20.64 15.96
C ALA A 237 -25.15 -19.28 16.39
N GLY A 238 -25.14 -18.33 15.45
CA GLY A 238 -24.65 -17.00 15.73
C GLY A 238 -25.44 -16.29 16.81
N MET A 239 -26.73 -16.58 16.88
CA MET A 239 -27.57 -15.99 17.89
C MET A 239 -27.23 -16.63 19.23
N TYR A 240 -27.17 -17.96 19.24
CA TYR A 240 -26.84 -18.67 20.45
C TYR A 240 -25.51 -18.21 21.02
N ALA A 241 -24.52 -18.03 20.13
CA ALA A 241 -23.19 -17.60 20.54
C ALA A 241 -23.16 -16.20 21.16
N LEU A 242 -23.93 -15.28 20.58
CA LEU A 242 -23.97 -13.91 21.10
C LEU A 242 -24.69 -13.80 22.45
N LYS A 243 -25.50 -14.81 22.77
CA LYS A 243 -26.25 -14.79 24.02
C LYS A 243 -25.71 -15.73 25.09
N ASN A 244 -24.72 -16.54 24.74
CA ASN A 244 -24.16 -17.48 25.69
C ASN A 244 -22.65 -17.60 25.68
N ASN A 245 -22.00 -17.06 24.66
CA ASN A 245 -20.55 -17.19 24.57
C ASN A 245 -19.70 -15.94 24.68
N VAL A 246 -20.31 -14.79 24.90
CA VAL A 246 -19.52 -13.57 25.01
C VAL A 246 -18.85 -13.45 26.37
N ALA A 247 -19.62 -13.65 27.43
CA ALA A 247 -19.10 -13.54 28.79
C ALA A 247 -17.89 -14.41 29.07
N ARG A 248 -17.95 -15.67 28.69
CA ARG A 248 -16.85 -16.60 28.96
C ARG A 248 -15.53 -16.24 28.31
N LEU A 249 -15.53 -15.29 27.39
CA LEU A 249 -14.27 -14.91 26.74
C LEU A 249 -13.24 -14.60 27.82
N GLN A 250 -13.71 -14.13 28.97
CA GLN A 250 -12.84 -13.82 30.10
C GLN A 250 -12.07 -15.07 30.52
N GLU A 251 -12.72 -16.23 30.40
CA GLU A 251 -12.08 -17.50 30.76
C GLU A 251 -10.89 -17.76 29.84
N ASP A 252 -11.03 -17.38 28.57
CA ASP A 252 -9.96 -17.58 27.62
C ASP A 252 -8.80 -16.67 27.99
N HIS A 253 -9.12 -15.41 28.28
CA HIS A 253 -8.13 -14.41 28.66
C HIS A 253 -7.27 -14.82 29.86
N ASP A 254 -7.91 -15.32 30.89
CA ASP A 254 -7.17 -15.74 32.09
C ASP A 254 -6.31 -16.95 31.75
N ASN A 255 -6.81 -17.79 30.85
CA ASN A 255 -6.06 -18.97 30.42
C ASN A 255 -4.82 -18.56 29.66
N THR A 256 -4.91 -17.43 28.96
CA THR A 256 -3.79 -16.94 28.17
C THR A 256 -2.68 -16.43 29.07
N ALA A 257 -3.03 -15.59 30.04
CA ALA A 257 -2.03 -15.05 30.94
C ALA A 257 -1.60 -16.07 31.96
N TRP A 258 -2.41 -17.12 32.14
CA TRP A 258 -2.05 -18.17 33.07
C TRP A 258 -0.98 -19.00 32.39
N MET A 259 -1.23 -19.34 31.13
CA MET A 259 -0.30 -20.12 30.32
C MET A 259 1.00 -19.35 30.10
N ALA A 260 0.88 -18.04 29.97
CA ALA A 260 2.03 -17.18 29.75
C ALA A 260 2.99 -17.31 30.92
N GLU A 261 2.44 -17.43 32.12
CA GLU A 261 3.26 -17.56 33.31
C GLU A 261 3.93 -18.93 33.35
N GLN A 262 3.15 -19.97 33.04
CA GLN A 262 3.67 -21.33 33.05
C GLN A 262 4.87 -21.46 32.13
N LEU A 263 4.74 -20.94 30.91
CA LEU A 263 5.83 -21.00 29.94
C LEU A 263 7.02 -20.19 30.40
N ARG A 264 6.79 -19.14 31.18
CA ARG A 264 7.90 -18.36 31.67
C ARG A 264 8.66 -19.23 32.67
N GLU A 265 7.90 -19.87 33.56
CA GLU A 265 8.48 -20.74 34.57
C GLU A 265 9.32 -21.82 33.90
N ALA A 266 8.78 -22.41 32.82
CA ALA A 266 9.47 -23.47 32.09
C ALA A 266 10.76 -23.03 31.41
N GLY A 267 10.83 -21.77 30.99
CA GLY A 267 12.03 -21.28 30.34
C GLY A 267 11.84 -20.68 28.97
N ALA A 268 10.60 -20.70 28.48
CA ALA A 268 10.31 -20.14 27.16
C ALA A 268 10.26 -18.61 27.22
N ASP A 269 10.84 -17.97 26.22
CA ASP A 269 10.87 -16.50 26.17
C ASP A 269 9.55 -15.94 25.65
N VAL A 270 8.64 -15.62 26.58
CA VAL A 270 7.36 -15.07 26.19
C VAL A 270 7.50 -13.60 25.83
N MET A 271 7.08 -13.26 24.62
CA MET A 271 7.17 -11.89 24.12
C MET A 271 6.09 -10.98 24.70
N ARG A 272 4.84 -11.42 24.65
CA ARG A 272 3.77 -10.62 25.21
C ARG A 272 2.48 -11.42 25.32
N GLN A 273 1.57 -10.93 26.14
CA GLN A 273 0.29 -11.59 26.34
C GLN A 273 -0.81 -10.53 26.28
N ASP A 274 -1.78 -10.74 25.41
CA ASP A 274 -2.91 -9.84 25.23
C ASP A 274 -4.13 -10.71 24.94
N THR A 275 -5.25 -10.44 25.62
CA THR A 275 -6.47 -11.21 25.44
C THR A 275 -6.20 -12.71 25.30
N ASN A 276 -6.83 -13.34 24.31
CA ASN A 276 -6.67 -14.78 24.10
C ASN A 276 -5.45 -15.15 23.28
N MET A 277 -4.47 -14.25 23.22
CA MET A 277 -3.26 -14.48 22.43
C MET A 277 -1.96 -14.20 23.17
N LEU A 278 -0.99 -15.09 22.98
CA LEU A 278 0.33 -14.89 23.58
C LEU A 278 1.36 -15.27 22.51
N PHE A 279 2.49 -14.58 22.52
CA PHE A 279 3.53 -14.82 21.54
C PHE A 279 4.84 -15.24 22.20
N VAL A 280 5.41 -16.34 21.71
CA VAL A 280 6.68 -16.82 22.26
C VAL A 280 7.77 -16.74 21.19
N ARG A 281 8.95 -16.32 21.61
CA ARG A 281 10.09 -16.22 20.71
C ARG A 281 10.80 -17.56 20.76
N VAL A 282 10.23 -18.56 20.09
CA VAL A 282 10.82 -19.90 20.07
C VAL A 282 12.21 -19.93 19.44
N GLY A 283 12.39 -19.18 18.35
CA GLY A 283 13.68 -19.15 17.68
C GLY A 283 13.70 -19.98 16.42
N GLU A 284 14.54 -19.59 15.47
CA GLU A 284 14.65 -20.30 14.19
C GLU A 284 15.16 -21.74 14.30
N GLU A 285 16.20 -21.94 15.10
CA GLU A 285 16.78 -23.26 15.26
C GLU A 285 15.91 -24.23 16.06
N ASN A 286 14.80 -23.76 16.59
CA ASN A 286 13.90 -24.61 17.36
C ASN A 286 12.50 -24.66 16.80
N ALA A 287 12.24 -23.87 15.76
CA ALA A 287 10.93 -23.81 15.15
C ALA A 287 10.39 -25.21 14.83
N ALA A 288 10.60 -25.66 13.61
CA ALA A 288 10.13 -26.97 13.16
C ALA A 288 10.26 -28.08 14.20
N ALA A 289 11.36 -28.09 14.95
CA ALA A 289 11.59 -29.11 15.95
C ALA A 289 10.46 -29.13 16.98
N LEU A 290 10.19 -27.97 17.55
CA LEU A 290 9.14 -27.81 18.55
C LEU A 290 7.80 -28.20 17.91
N GLY A 291 7.66 -27.88 16.64
CA GLY A 291 6.44 -28.21 15.93
C GLY A 291 6.19 -29.70 16.01
N GLU A 292 7.17 -30.48 15.59
CA GLU A 292 7.04 -31.93 15.61
C GLU A 292 6.82 -32.45 17.02
N TYR A 293 7.73 -32.10 17.93
CA TYR A 293 7.62 -32.53 19.31
C TYR A 293 6.16 -32.41 19.72
N MET A 294 5.63 -31.19 19.66
CA MET A 294 4.24 -30.94 20.01
C MET A 294 3.30 -31.80 19.18
N LYS A 295 3.35 -31.60 17.86
CA LYS A 295 2.50 -32.35 16.94
C LYS A 295 2.44 -33.83 17.33
N ALA A 296 3.56 -34.35 17.82
CA ALA A 296 3.62 -35.74 18.23
C ALA A 296 2.71 -35.93 19.43
N ARG A 297 2.89 -35.10 20.45
CA ARG A 297 2.09 -35.16 21.66
C ARG A 297 0.65 -34.75 21.40
N ASN A 298 0.22 -34.85 20.15
CA ASN A 298 -1.14 -34.51 19.75
C ASN A 298 -1.47 -33.06 20.06
N VAL A 299 -0.47 -32.19 19.98
CA VAL A 299 -0.63 -30.77 20.23
C VAL A 299 -0.35 -30.05 18.92
N LEU A 300 -1.31 -29.25 18.49
CA LEU A 300 -1.17 -28.52 17.23
C LEU A 300 -0.87 -27.03 17.36
N ILE A 301 0.30 -26.63 16.87
CA ILE A 301 0.69 -25.22 16.91
C ILE A 301 1.26 -24.83 15.55
N ASN A 302 1.33 -23.53 15.31
CA ASN A 302 1.90 -23.05 14.05
C ASN A 302 3.39 -22.87 14.26
N ALA A 303 4.15 -23.84 13.76
CA ALA A 303 5.61 -23.84 13.87
C ALA A 303 6.18 -22.54 13.29
N SER A 304 7.10 -21.92 14.02
CA SER A 304 7.67 -20.67 13.56
C SER A 304 8.66 -20.12 14.58
N PRO A 305 9.54 -19.21 14.16
CA PRO A 305 10.51 -18.62 15.09
C PRO A 305 9.76 -18.00 16.27
N ILE A 306 8.66 -17.31 15.95
CA ILE A 306 7.82 -16.69 16.96
C ILE A 306 6.47 -17.40 16.85
N VAL A 307 6.18 -18.28 17.79
CA VAL A 307 4.92 -19.02 17.76
C VAL A 307 3.77 -18.22 18.38
N ARG A 308 2.65 -18.20 17.68
CA ARG A 308 1.47 -17.50 18.18
C ARG A 308 0.51 -18.53 18.73
N LEU A 309 0.31 -18.53 20.04
CA LEU A 309 -0.61 -19.45 20.66
C LEU A 309 -1.92 -18.72 20.92
N VAL A 310 -3.02 -19.30 20.45
CA VAL A 310 -4.34 -18.70 20.61
C VAL A 310 -5.25 -19.60 21.43
N THR A 311 -6.01 -18.99 22.34
CA THR A 311 -6.94 -19.75 23.19
C THR A 311 -8.36 -19.62 22.71
N HIS A 312 -9.22 -20.51 23.20
CA HIS A 312 -10.63 -20.53 22.80
C HIS A 312 -11.33 -21.57 23.66
N LEU A 313 -12.64 -21.71 23.49
CA LEU A 313 -13.40 -22.66 24.29
C LEU A 313 -13.08 -24.14 24.13
N ASP A 314 -12.38 -24.51 23.07
CA ASP A 314 -12.03 -25.91 22.86
C ASP A 314 -10.67 -26.31 23.42
N VAL A 315 -10.14 -25.46 24.29
CA VAL A 315 -8.87 -25.73 24.93
C VAL A 315 -9.08 -25.36 26.39
N SER A 316 -8.87 -26.33 27.27
CA SER A 316 -9.05 -26.12 28.71
C SER A 316 -7.73 -25.75 29.38
N ARG A 317 -7.80 -25.33 30.64
CA ARG A 317 -6.57 -24.99 31.35
C ARG A 317 -5.79 -26.28 31.58
N ALA A 318 -6.51 -27.37 31.87
CA ALA A 318 -5.87 -28.65 32.09
C ALA A 318 -5.06 -29.03 30.85
N GLN A 319 -5.65 -28.79 29.67
CA GLN A 319 -4.96 -29.10 28.43
C GLN A 319 -3.77 -28.18 28.26
N LEU A 320 -3.91 -26.95 28.75
CA LEU A 320 -2.83 -25.98 28.67
C LEU A 320 -1.72 -26.46 29.60
N ALA A 321 -2.12 -27.12 30.69
CA ALA A 321 -1.15 -27.64 31.64
C ALA A 321 -0.31 -28.67 30.90
N GLU A 322 -0.97 -29.52 30.12
CA GLU A 322 -0.31 -30.54 29.34
C GLU A 322 0.74 -29.93 28.42
N VAL A 323 0.32 -28.97 27.60
CA VAL A 323 1.22 -28.30 26.66
C VAL A 323 2.37 -27.56 27.35
N ALA A 324 2.09 -27.00 28.51
CA ALA A 324 3.13 -26.27 29.25
C ALA A 324 4.12 -27.28 29.80
N ALA A 325 3.66 -28.50 30.05
CA ALA A 325 4.51 -29.56 30.57
C ALA A 325 5.35 -30.09 29.41
N HIS A 326 4.70 -30.36 28.29
CA HIS A 326 5.39 -30.85 27.09
C HIS A 326 6.43 -29.84 26.65
N TRP A 327 6.10 -28.57 26.81
CA TRP A 327 7.03 -27.53 26.41
C TRP A 327 8.22 -27.51 27.36
N ARG A 328 7.94 -27.51 28.66
CA ARG A 328 9.00 -27.51 29.66
C ARG A 328 9.98 -28.64 29.36
N ALA A 329 9.42 -29.82 29.05
CA ALA A 329 10.23 -30.98 28.73
C ALA A 329 11.10 -30.71 27.51
N PHE A 330 10.54 -29.95 26.56
CA PHE A 330 11.27 -29.61 25.34
C PHE A 330 12.57 -28.89 25.68
N LEU A 331 12.42 -27.73 26.31
CA LEU A 331 13.54 -26.87 26.69
C LEU A 331 14.46 -27.44 27.77
N ALA A 332 13.95 -28.38 28.55
CA ALA A 332 14.72 -29.00 29.62
C ALA A 332 13.82 -29.92 30.42
N MET B 1 10.63 32.45 -18.87
CA MET B 1 9.99 33.43 -17.95
C MET B 1 10.46 33.19 -16.52
N ILE B 2 11.29 32.16 -16.37
CA ILE B 2 11.84 31.74 -15.07
C ILE B 2 10.82 30.87 -14.33
N ASP B 3 10.89 29.58 -14.60
CA ASP B 3 10.00 28.61 -13.99
C ASP B 3 10.84 27.58 -13.27
N LEU B 4 10.90 27.69 -11.94
CA LEU B 4 11.70 26.75 -11.15
C LEU B 4 10.82 25.69 -10.52
N ARG B 5 9.56 25.64 -10.94
CA ARG B 5 8.57 24.69 -10.43
C ARG B 5 8.89 23.24 -10.77
N SER B 6 9.27 22.99 -12.01
CA SER B 6 9.60 21.64 -12.45
C SER B 6 10.45 21.71 -13.70
N ASP B 7 11.06 20.58 -14.05
CA ASP B 7 11.86 20.53 -15.27
C ASP B 7 10.93 20.08 -16.39
N THR B 8 9.65 19.96 -16.06
CA THR B 8 8.64 19.54 -17.03
C THR B 8 8.18 20.70 -17.90
N VAL B 9 8.70 21.89 -17.62
CA VAL B 9 8.32 23.09 -18.37
C VAL B 9 9.24 23.38 -19.56
N THR B 10 10.32 22.62 -19.68
CA THR B 10 11.28 22.79 -20.77
C THR B 10 10.56 22.89 -22.12
N ARG B 11 10.92 23.90 -22.91
CA ARG B 11 10.31 24.07 -24.22
C ARG B 11 11.26 23.72 -25.35
N PRO B 12 10.71 23.24 -26.47
CA PRO B 12 11.50 22.86 -27.65
C PRO B 12 12.39 23.97 -28.21
N SER B 13 13.64 23.62 -28.52
CA SER B 13 14.56 24.57 -29.10
C SER B 13 14.25 24.53 -30.59
N ARG B 14 14.65 25.56 -31.33
CA ARG B 14 14.36 25.57 -32.76
C ARG B 14 14.92 24.36 -33.49
N ALA B 15 16.09 23.90 -33.07
CA ALA B 15 16.71 22.73 -33.69
C ALA B 15 15.91 21.47 -33.43
N MET B 16 15.27 21.41 -32.25
CA MET B 16 14.48 20.25 -31.92
C MET B 16 13.22 20.23 -32.79
N LEU B 17 12.56 21.38 -32.89
CA LEU B 17 11.34 21.51 -33.68
C LEU B 17 11.58 21.15 -35.14
N GLU B 18 12.69 21.65 -35.68
CA GLU B 18 13.02 21.36 -37.07
C GLU B 18 13.15 19.85 -37.23
N ALA B 19 13.89 19.23 -36.32
CA ALA B 19 14.08 17.79 -36.36
C ALA B 19 12.73 17.08 -36.37
N MET B 20 11.76 17.66 -35.67
CA MET B 20 10.43 17.07 -35.62
C MET B 20 9.64 17.32 -36.89
N MET B 21 9.71 18.56 -37.39
CA MET B 21 8.98 18.94 -38.59
C MET B 21 9.50 18.32 -39.89
N ALA B 22 10.69 17.74 -39.83
CA ALA B 22 11.28 17.12 -41.02
C ALA B 22 11.42 15.60 -40.89
N ALA B 23 10.77 15.03 -39.90
CA ALA B 23 10.86 13.59 -39.68
C ALA B 23 9.85 12.81 -40.50
N PRO B 24 10.26 11.63 -40.97
CA PRO B 24 9.36 10.78 -41.76
C PRO B 24 8.49 10.06 -40.75
N VAL B 25 7.21 9.93 -41.05
CA VAL B 25 6.29 9.29 -40.12
C VAL B 25 5.45 8.23 -40.83
N GLY B 26 4.77 7.41 -40.02
CA GLY B 26 3.91 6.36 -40.56
C GLY B 26 2.89 6.03 -39.49
N ASP B 27 2.07 5.02 -39.71
CA ASP B 27 1.09 4.66 -38.69
C ASP B 27 1.80 3.78 -37.67
N ASP B 28 2.05 4.33 -36.48
CA ASP B 28 2.74 3.58 -35.44
C ASP B 28 1.97 2.34 -34.98
N VAL B 29 0.65 2.40 -35.03
CA VAL B 29 -0.16 1.25 -34.63
C VAL B 29 0.20 0.12 -35.58
N TYR B 30 0.46 0.47 -36.83
CA TYR B 30 0.83 -0.53 -37.82
C TYR B 30 2.33 -0.77 -37.75
N GLY B 31 3.00 -0.02 -36.87
CA GLY B 31 4.44 -0.15 -36.73
C GLY B 31 5.16 0.37 -37.95
N ASP B 32 4.49 1.26 -38.68
CA ASP B 32 5.03 1.85 -39.91
C ASP B 32 5.70 3.22 -39.72
N ASP B 33 5.96 3.61 -38.48
CA ASP B 33 6.60 4.90 -38.26
C ASP B 33 8.09 4.73 -38.00
N PRO B 34 8.91 5.15 -38.98
CA PRO B 34 10.38 5.09 -39.00
C PRO B 34 11.05 5.72 -37.78
N THR B 35 10.67 6.97 -37.51
CA THR B 35 11.25 7.70 -36.40
C THR B 35 10.93 7.05 -35.04
N VAL B 36 9.68 6.68 -34.83
CA VAL B 36 9.33 6.03 -33.56
C VAL B 36 10.17 4.77 -33.38
N ASN B 37 10.18 3.92 -34.41
CA ASN B 37 10.96 2.69 -34.36
C ASN B 37 12.43 3.02 -34.11
N ALA B 38 12.94 4.00 -34.85
CA ALA B 38 14.33 4.43 -34.71
C ALA B 38 14.63 4.83 -33.27
N LEU B 39 13.73 5.61 -32.67
CA LEU B 39 13.91 6.06 -31.30
C LEU B 39 13.97 4.88 -30.34
N GLN B 40 13.09 3.91 -30.54
CA GLN B 40 13.03 2.74 -29.68
C GLN B 40 14.31 1.89 -29.80
N ASP B 41 14.68 1.52 -31.01
CA ASP B 41 15.88 0.71 -31.23
C ASP B 41 17.12 1.37 -30.63
N TYR B 42 17.15 2.70 -30.66
CA TYR B 42 18.28 3.45 -30.14
C TYR B 42 18.34 3.37 -28.61
N ALA B 43 17.19 3.51 -27.97
CA ALA B 43 17.13 3.46 -26.50
C ALA B 43 17.49 2.05 -26.03
N ALA B 44 16.97 1.05 -26.74
CA ALA B 44 17.22 -0.34 -26.41
C ALA B 44 18.71 -0.67 -26.51
N GLU B 45 19.31 -0.30 -27.63
CA GLU B 45 20.72 -0.55 -27.87
C GLU B 45 21.62 0.18 -26.89
N LEU B 46 21.27 1.42 -26.58
CA LEU B 46 22.04 2.23 -25.65
C LEU B 46 21.92 1.78 -24.20
N SER B 47 20.94 0.92 -23.90
CA SER B 47 20.74 0.44 -22.53
C SER B 47 20.97 -1.05 -22.35
N GLY B 48 21.32 -1.74 -23.43
CA GLY B 48 21.56 -3.17 -23.34
C GLY B 48 20.29 -4.00 -23.30
N LYS B 49 19.17 -3.42 -23.72
CA LYS B 49 17.89 -4.12 -23.71
C LYS B 49 17.48 -4.51 -25.13
N GLU B 50 16.60 -5.51 -25.23
CA GLU B 50 16.14 -6.01 -26.52
C GLU B 50 15.14 -5.11 -27.25
N ALA B 51 14.15 -4.61 -26.53
CA ALA B 51 13.14 -3.77 -27.15
C ALA B 51 12.80 -2.52 -26.35
N ALA B 52 12.09 -1.60 -26.99
CA ALA B 52 11.68 -0.35 -26.36
C ALA B 52 10.34 0.10 -26.94
N ILE B 53 9.58 0.85 -26.16
CA ILE B 53 8.27 1.34 -26.59
C ILE B 53 8.08 2.82 -26.23
N PHE B 54 7.58 3.61 -27.18
CA PHE B 54 7.34 5.03 -26.93
C PHE B 54 5.93 5.21 -26.38
N LEU B 55 5.77 6.06 -25.38
CA LEU B 55 4.46 6.32 -24.78
C LEU B 55 4.18 7.80 -24.59
N PRO B 56 2.89 8.17 -24.43
CA PRO B 56 2.47 9.56 -24.24
C PRO B 56 3.05 10.22 -22.98
N THR B 57 3.08 9.48 -21.89
CA THR B 57 3.62 10.01 -20.64
C THR B 57 4.38 8.93 -19.86
N GLY B 58 5.13 9.39 -18.87
CA GLY B 58 5.87 8.47 -18.02
C GLY B 58 4.84 7.76 -17.17
N THR B 59 3.81 8.50 -16.75
CA THR B 59 2.74 7.94 -15.95
C THR B 59 2.19 6.70 -16.64
N GLN B 60 2.06 6.76 -17.97
CA GLN B 60 1.54 5.61 -18.70
C GLN B 60 2.63 4.57 -18.91
N ALA B 61 3.88 5.01 -18.97
CA ALA B 61 5.00 4.10 -19.16
C ALA B 61 5.10 3.19 -17.94
N ASN B 62 4.79 3.73 -16.78
CA ASN B 62 4.84 2.98 -15.53
C ASN B 62 3.59 2.12 -15.31
N LEU B 63 2.42 2.63 -15.68
CA LEU B 63 1.19 1.87 -15.54
C LEU B 63 1.30 0.63 -16.42
N VAL B 64 1.77 0.85 -17.64
CA VAL B 64 1.96 -0.23 -18.62
C VAL B 64 3.01 -1.21 -18.11
N ALA B 65 4.13 -0.68 -17.64
CA ALA B 65 5.21 -1.51 -17.12
C ALA B 65 4.70 -2.41 -16.01
N LEU B 66 3.96 -1.81 -15.09
CA LEU B 66 3.39 -2.53 -13.94
C LEU B 66 2.39 -3.59 -14.36
N LEU B 67 1.60 -3.29 -15.38
CA LEU B 67 0.60 -4.23 -15.90
C LEU B 67 1.28 -5.37 -16.64
N SER B 68 2.37 -5.04 -17.33
CA SER B 68 3.12 -6.03 -18.09
C SER B 68 3.90 -6.97 -17.17
N HIS B 69 4.11 -6.52 -15.93
CA HIS B 69 4.85 -7.30 -14.94
C HIS B 69 3.99 -8.15 -14.01
N CYS B 70 2.89 -7.56 -13.55
CA CYS B 70 2.01 -8.21 -12.58
C CYS B 70 0.62 -8.56 -13.09
N GLU B 71 0.26 -9.84 -12.96
CA GLU B 71 -1.06 -10.26 -13.37
C GLU B 71 -2.01 -9.87 -12.25
N ARG B 72 -3.31 -10.03 -12.51
CA ARG B 72 -4.31 -9.70 -11.52
C ARG B 72 -3.94 -10.42 -10.22
N GLY B 73 -3.97 -9.70 -9.10
CA GLY B 73 -3.66 -10.32 -7.83
C GLY B 73 -2.18 -10.38 -7.48
N GLU B 74 -1.34 -9.99 -8.42
CA GLU B 74 0.09 -10.00 -8.17
C GLU B 74 0.40 -8.72 -7.42
N GLU B 75 1.64 -8.59 -6.96
CA GLU B 75 2.01 -7.41 -6.17
C GLU B 75 3.38 -6.83 -6.51
N TYR B 76 3.54 -5.55 -6.19
CA TYR B 76 4.81 -4.87 -6.40
C TYR B 76 5.19 -4.06 -5.17
N ILE B 77 6.41 -4.27 -4.71
CA ILE B 77 6.93 -3.56 -3.55
C ILE B 77 7.47 -2.24 -4.10
N VAL B 78 7.21 -1.16 -3.40
CA VAL B 78 7.61 0.16 -3.86
C VAL B 78 7.82 1.13 -2.71
N GLY B 79 8.15 2.38 -3.06
CA GLY B 79 8.36 3.41 -2.05
C GLY B 79 7.11 4.21 -1.78
N GLN B 80 6.83 4.46 -0.50
CA GLN B 80 5.67 5.23 -0.08
C GLN B 80 5.57 6.56 -0.82
N ALA B 81 6.72 7.11 -1.20
CA ALA B 81 6.75 8.39 -1.90
C ALA B 81 7.13 8.24 -3.37
N ALA B 82 7.22 7.00 -3.83
CA ALA B 82 7.59 6.74 -5.23
C ALA B 82 6.48 7.20 -6.18
N HIS B 83 6.85 7.49 -7.42
CA HIS B 83 5.87 7.97 -8.39
C HIS B 83 4.82 6.96 -8.83
N ASN B 84 5.19 5.73 -9.17
CA ASN B 84 4.18 4.78 -9.61
C ASN B 84 3.33 4.19 -8.49
N TYR B 85 3.43 4.77 -7.30
CA TYR B 85 2.59 4.34 -6.18
C TYR B 85 1.75 5.52 -5.73
N LEU B 86 2.43 6.63 -5.47
CA LEU B 86 1.79 7.85 -4.98
C LEU B 86 1.27 8.88 -5.96
N PHE B 87 2.02 9.15 -7.02
CA PHE B 87 1.63 10.19 -7.97
C PHE B 87 0.92 9.81 -9.26
N GLU B 88 0.38 8.61 -9.31
CA GLU B 88 -0.33 8.16 -10.49
C GLU B 88 -1.72 7.68 -10.12
N ALA B 89 -2.31 8.39 -9.16
CA ALA B 89 -3.65 8.11 -8.65
C ALA B 89 -3.99 6.63 -8.42
N GLY B 90 -3.04 5.89 -7.86
CA GLY B 90 -3.24 4.48 -7.58
C GLY B 90 -3.61 3.62 -8.79
N GLY B 91 -3.14 4.02 -9.96
CA GLY B 91 -3.44 3.29 -11.18
C GLY B 91 -3.20 1.79 -11.17
N ALA B 92 -2.06 1.36 -10.65
CA ALA B 92 -1.74 -0.05 -10.62
C ALA B 92 -2.84 -0.87 -9.93
N ALA B 93 -3.47 -0.31 -8.91
CA ALA B 93 -4.51 -1.05 -8.20
C ALA B 93 -5.90 -0.85 -8.81
N VAL B 94 -6.22 0.41 -9.10
CA VAL B 94 -7.51 0.79 -9.65
C VAL B 94 -7.79 0.24 -11.03
N LEU B 95 -6.83 0.40 -11.93
CA LEU B 95 -7.00 -0.08 -13.30
C LEU B 95 -6.37 -1.44 -13.53
N GLY B 96 -5.22 -1.69 -12.90
CA GLY B 96 -4.52 -2.95 -13.10
C GLY B 96 -4.78 -4.09 -12.14
N SER B 97 -5.66 -3.89 -11.17
CA SER B 97 -5.96 -4.93 -10.19
C SER B 97 -4.66 -5.52 -9.62
N ILE B 98 -3.68 -4.65 -9.41
CA ILE B 98 -2.41 -5.08 -8.84
C ILE B 98 -2.33 -4.58 -7.40
N GLN B 99 -1.92 -5.44 -6.48
CA GLN B 99 -1.78 -5.05 -5.07
C GLN B 99 -0.45 -4.36 -4.83
N PRO B 100 -0.47 -3.13 -4.32
CA PRO B 100 0.77 -2.42 -4.06
C PRO B 100 1.23 -2.62 -2.62
N GLN B 101 2.54 -2.77 -2.44
CA GLN B 101 3.12 -2.96 -1.12
C GLN B 101 4.17 -1.86 -0.93
N PRO B 102 3.76 -0.67 -0.47
CA PRO B 102 4.69 0.43 -0.26
C PRO B 102 5.44 0.44 1.07
N ILE B 103 6.70 0.86 1.02
CA ILE B 103 7.53 0.97 2.22
C ILE B 103 8.29 2.29 2.21
N ASP B 104 8.69 2.77 3.38
CA ASP B 104 9.43 4.01 3.46
C ASP B 104 10.84 3.81 2.91
N ALA B 105 11.28 4.77 2.12
CA ALA B 105 12.61 4.72 1.53
C ALA B 105 13.65 5.19 2.55
N ALA B 106 14.86 4.66 2.45
CA ALA B 106 15.92 5.06 3.37
C ALA B 106 16.22 6.53 3.09
N ALA B 107 17.07 7.13 3.90
CA ALA B 107 17.42 8.53 3.73
C ALA B 107 18.02 8.82 2.36
N ASP B 108 18.79 7.87 1.84
CA ASP B 108 19.44 8.06 0.55
C ASP B 108 18.59 7.75 -0.68
N GLY B 109 17.32 7.40 -0.47
CA GLY B 109 16.46 7.12 -1.60
C GLY B 109 16.25 5.67 -1.97
N THR B 110 16.97 4.77 -1.31
CA THR B 110 16.83 3.34 -1.61
C THR B 110 15.78 2.65 -0.74
N LEU B 111 15.29 1.51 -1.20
CA LEU B 111 14.33 0.71 -0.45
C LEU B 111 15.18 -0.34 0.25
N PRO B 112 15.35 -0.21 1.58
CA PRO B 112 16.15 -1.13 2.40
C PRO B 112 15.81 -2.59 2.14
N LEU B 113 16.71 -3.29 1.46
CA LEU B 113 16.52 -4.69 1.13
C LEU B 113 16.05 -5.55 2.30
N ASP B 114 16.44 -5.19 3.52
CA ASP B 114 16.00 -5.97 4.67
C ASP B 114 14.50 -5.73 4.83
N LYS B 115 14.08 -4.50 4.64
CA LYS B 115 12.67 -4.15 4.75
C LYS B 115 11.91 -4.81 3.60
N VAL B 116 12.52 -4.79 2.42
CA VAL B 116 11.91 -5.40 1.25
C VAL B 116 11.68 -6.88 1.48
N ALA B 117 12.69 -7.57 2.01
CA ALA B 117 12.58 -9.00 2.26
C ALA B 117 11.41 -9.33 3.19
N MET B 118 11.28 -8.59 4.28
CA MET B 118 10.19 -8.83 5.22
C MET B 118 8.83 -8.69 4.53
N LYS B 119 8.80 -7.94 3.44
CA LYS B 119 7.56 -7.71 2.71
C LYS B 119 7.24 -8.74 1.62
N ILE B 120 8.19 -9.63 1.31
CA ILE B 120 7.91 -10.64 0.30
C ILE B 120 6.95 -11.62 0.94
N LYS B 121 5.80 -11.80 0.30
CA LYS B 121 4.76 -12.66 0.83
C LYS B 121 4.98 -14.17 0.70
N PRO B 122 4.64 -14.92 1.76
CA PRO B 122 4.82 -16.37 1.71
C PRO B 122 3.83 -16.84 0.66
N ASP B 123 4.10 -17.97 0.04
CA ASP B 123 3.19 -18.49 -0.98
C ASP B 123 2.01 -19.12 -0.26
N ASP B 124 1.10 -18.29 0.22
CA ASP B 124 -0.09 -18.78 0.92
C ASP B 124 -1.32 -17.98 0.45
N ILE B 125 -2.45 -18.66 0.28
CA ILE B 125 -3.67 -18.01 -0.19
C ILE B 125 -4.09 -16.80 0.62
N HIS B 126 -3.38 -16.55 1.71
CA HIS B 126 -3.62 -15.41 2.59
C HIS B 126 -3.20 -14.10 1.95
N PHE B 127 -2.08 -14.15 1.23
CA PHE B 127 -1.50 -12.95 0.64
C PHE B 127 -1.51 -12.76 -0.85
N ALA B 128 -1.20 -11.53 -1.22
CA ALA B 128 -1.08 -11.15 -2.62
C ALA B 128 0.19 -11.86 -3.03
N ARG B 129 0.46 -11.95 -4.33
CA ARG B 129 1.66 -12.62 -4.78
C ARG B 129 2.75 -11.65 -5.17
N THR B 130 3.74 -11.48 -4.29
CA THR B 130 4.85 -10.58 -4.52
C THR B 130 5.51 -10.97 -5.84
N LYS B 131 5.72 -9.99 -6.71
CA LYS B 131 6.31 -10.27 -8.00
C LYS B 131 7.29 -9.24 -8.53
N LEU B 132 7.12 -7.99 -8.13
CA LEU B 132 8.01 -6.94 -8.62
C LEU B 132 8.53 -6.01 -7.54
N LEU B 133 9.72 -5.49 -7.77
CA LEU B 133 10.36 -4.53 -6.89
C LEU B 133 10.55 -3.36 -7.84
N SER B 134 9.88 -2.27 -7.55
CA SER B 134 9.96 -1.09 -8.40
C SER B 134 10.75 0.03 -7.73
N LEU B 135 11.88 0.30 -8.25
CA LEU B 135 12.66 1.49 -7.86
C LEU B 135 12.41 2.84 -8.61
N GLU B 136 13.10 3.87 -8.19
CA GLU B 136 13.03 5.23 -8.70
C GLU B 136 14.38 5.94 -8.56
N ASN B 137 15.26 5.93 -9.54
CA ASN B 137 16.51 6.57 -9.71
C ASN B 137 16.51 7.95 -10.36
N THR B 138 17.04 8.77 -9.59
CA THR B 138 16.60 10.04 -9.31
C THR B 138 15.26 9.94 -8.71
N HIS B 139 15.33 10.12 -7.40
CA HIS B 139 14.26 10.22 -6.51
C HIS B 139 14.26 11.46 -5.78
N ASN B 140 13.46 12.39 -6.24
CA ASN B 140 13.49 13.71 -5.92
C ASN B 140 14.86 14.34 -5.96
N GLY B 141 15.61 14.07 -6.97
CA GLY B 141 16.96 14.43 -7.11
C GLY B 141 18.08 13.60 -6.61
N LYS B 142 17.89 12.96 -5.49
CA LYS B 142 18.73 11.92 -4.95
C LYS B 142 19.16 10.84 -5.92
N VAL B 143 20.39 10.60 -6.04
CA VAL B 143 20.95 9.62 -6.85
C VAL B 143 21.19 8.33 -6.11
N LEU B 144 20.50 7.27 -6.46
CA LEU B 144 20.66 6.03 -5.73
C LEU B 144 22.09 5.49 -5.81
N PRO B 145 22.64 5.02 -4.69
CA PRO B 145 24.00 4.48 -4.67
C PRO B 145 24.15 3.40 -5.74
N ARG B 146 25.34 3.25 -6.32
CA ARG B 146 25.52 2.23 -7.34
C ARG B 146 25.62 0.82 -6.77
N GLU B 147 26.17 0.69 -5.57
CA GLU B 147 26.29 -0.63 -4.97
C GLU B 147 24.91 -1.18 -4.60
N TYR B 148 23.98 -0.29 -4.28
CA TYR B 148 22.64 -0.72 -3.92
C TYR B 148 21.92 -1.24 -5.18
N LEU B 149 22.12 -0.56 -6.29
CA LEU B 149 21.49 -0.95 -7.54
C LEU B 149 21.94 -2.35 -7.92
N LYS B 150 23.20 -2.66 -7.64
CA LYS B 150 23.74 -3.98 -7.95
C LYS B 150 23.20 -4.98 -6.93
N GLU B 151 23.06 -4.54 -5.69
CA GLU B 151 22.56 -5.41 -4.63
C GLU B 151 21.08 -5.72 -4.77
N ALA B 152 20.31 -4.77 -5.26
CA ALA B 152 18.89 -4.98 -5.45
C ALA B 152 18.74 -5.97 -6.60
N TRP B 153 19.56 -5.79 -7.62
CA TRP B 153 19.54 -6.66 -8.79
C TRP B 153 19.78 -8.11 -8.37
N GLU B 154 20.80 -8.34 -7.55
CA GLU B 154 21.09 -9.69 -7.10
C GLU B 154 20.02 -10.22 -6.16
N PHE B 155 19.50 -9.36 -5.30
CA PHE B 155 18.47 -9.75 -4.36
C PHE B 155 17.24 -10.26 -5.10
N THR B 156 16.78 -9.50 -6.07
CA THR B 156 15.60 -9.93 -6.83
C THR B 156 15.79 -11.23 -7.61
N ARG B 157 16.99 -11.49 -8.11
CA ARG B 157 17.20 -12.75 -8.83
C ARG B 157 17.11 -13.93 -7.85
N LYS B 158 17.73 -13.80 -6.69
CA LYS B 158 17.71 -14.89 -5.70
C LYS B 158 16.33 -15.06 -5.07
N ARG B 159 15.44 -14.12 -5.33
CA ARG B 159 14.08 -14.20 -4.80
C ARG B 159 13.12 -14.41 -5.97
N ASN B 160 13.67 -14.47 -7.17
CA ASN B 160 12.87 -14.66 -8.39
C ASN B 160 11.85 -13.53 -8.58
N LEU B 161 12.23 -12.32 -8.19
CA LEU B 161 11.37 -11.14 -8.33
C LEU B 161 11.89 -10.25 -9.45
N ALA B 162 10.98 -9.70 -10.24
CA ALA B 162 11.38 -8.81 -11.33
C ALA B 162 11.86 -7.50 -10.73
N LEU B 163 12.64 -6.74 -11.49
CA LEU B 163 13.11 -5.46 -11.00
C LEU B 163 12.90 -4.39 -12.05
N HIS B 164 12.12 -3.37 -11.69
CA HIS B 164 11.81 -2.27 -12.59
C HIS B 164 12.26 -0.95 -11.99
N VAL B 165 12.77 -0.07 -12.85
CA VAL B 165 13.24 1.23 -12.37
C VAL B 165 12.51 2.36 -13.07
N ASP B 166 11.89 3.22 -12.29
CA ASP B 166 11.20 4.38 -12.88
C ASP B 166 12.33 5.37 -13.18
N GLY B 167 12.73 5.45 -14.45
CA GLY B 167 13.82 6.34 -14.79
C GLY B 167 13.43 7.69 -15.34
N ALA B 168 12.35 8.28 -14.86
CA ALA B 168 11.92 9.58 -15.37
C ALA B 168 13.11 10.52 -15.53
N ARG B 169 14.05 10.48 -14.58
CA ARG B 169 15.25 11.31 -14.66
C ARG B 169 16.49 10.43 -14.52
N ILE B 170 16.49 9.31 -15.25
CA ILE B 170 17.60 8.36 -15.18
C ILE B 170 18.92 8.94 -15.70
N PHE B 171 18.83 9.75 -16.75
CA PHE B 171 20.00 10.37 -17.35
C PHE B 171 20.63 11.40 -16.41
N ASN B 172 19.86 11.88 -15.44
CA ASN B 172 20.38 12.84 -14.48
C ASN B 172 21.30 12.07 -13.54
N ALA B 173 20.91 10.85 -13.20
CA ALA B 173 21.73 10.02 -12.34
C ALA B 173 22.95 9.61 -13.14
N VAL B 174 22.69 9.22 -14.39
CA VAL B 174 23.72 8.78 -15.31
C VAL B 174 24.87 9.80 -15.39
N VAL B 175 24.56 11.05 -15.64
CA VAL B 175 25.60 12.07 -15.71
C VAL B 175 26.29 12.21 -14.36
N ALA B 176 25.52 12.06 -13.28
CA ALA B 176 26.08 12.16 -11.93
C ALA B 176 27.02 11.00 -11.61
N TYR B 177 26.74 9.82 -12.16
CA TYR B 177 27.61 8.67 -11.92
C TYR B 177 28.88 8.82 -12.75
N GLY B 178 28.72 9.37 -13.94
CA GLY B 178 29.85 9.54 -14.83
C GLY B 178 30.10 8.27 -15.60
N CYS B 179 29.08 7.42 -15.69
CA CYS B 179 29.20 6.14 -16.40
C CYS B 179 28.24 6.11 -17.58
N GLU B 180 28.13 4.95 -18.22
CA GLU B 180 27.24 4.76 -19.36
C GLU B 180 25.89 4.34 -18.79
N LEU B 181 24.83 4.53 -19.58
CA LEU B 181 23.48 4.15 -19.15
C LEU B 181 23.41 2.64 -18.99
N LYS B 182 24.09 1.93 -19.88
CA LYS B 182 24.08 0.48 -19.87
C LYS B 182 24.58 -0.08 -18.54
N GLU B 183 25.52 0.63 -17.91
CA GLU B 183 26.10 0.19 -16.64
C GLU B 183 25.13 0.20 -15.47
N ILE B 184 23.96 0.81 -15.63
CA ILE B 184 23.00 0.81 -14.54
C ILE B 184 21.72 0.10 -14.96
N THR B 185 21.40 0.16 -16.25
CA THR B 185 20.21 -0.52 -16.72
C THR B 185 20.49 -2.02 -16.72
N GLN B 186 21.75 -2.39 -16.58
CA GLN B 186 22.09 -3.81 -16.55
C GLN B 186 21.53 -4.40 -15.26
N TYR B 187 21.26 -3.54 -14.28
CA TYR B 187 20.72 -3.98 -12.99
C TYR B 187 19.20 -3.90 -12.87
N CYS B 188 18.49 -4.20 -13.96
CA CYS B 188 17.04 -4.16 -13.92
C CYS B 188 16.47 -4.87 -15.14
N ASP B 189 15.24 -5.32 -15.02
CA ASP B 189 14.58 -6.02 -16.12
C ASP B 189 13.91 -5.04 -17.06
N SER B 190 13.50 -3.89 -16.51
CA SER B 190 12.85 -2.85 -17.29
C SER B 190 13.01 -1.50 -16.61
N PHE B 191 13.01 -0.44 -17.41
CA PHE B 191 13.12 0.89 -16.86
C PHE B 191 12.46 1.86 -17.83
N THR B 192 12.12 3.05 -17.33
CA THR B 192 11.49 4.05 -18.19
C THR B 192 12.43 5.20 -18.46
N ILE B 193 12.05 6.03 -19.43
CA ILE B 193 12.82 7.19 -19.84
C ILE B 193 11.89 8.32 -20.26
N CYS B 194 11.85 9.41 -19.49
CA CYS B 194 11.03 10.55 -19.87
C CYS B 194 11.94 11.46 -20.68
N LEU B 195 11.40 11.97 -21.79
CA LEU B 195 12.14 12.86 -22.67
C LEU B 195 11.66 14.29 -22.45
N SER B 196 10.47 14.40 -21.88
CA SER B 196 9.82 15.68 -21.63
C SER B 196 10.25 16.40 -20.36
N LYS B 197 11.28 15.91 -19.68
CA LYS B 197 11.73 16.56 -18.46
C LYS B 197 13.00 17.34 -18.75
N GLY B 198 14.09 16.96 -18.11
CA GLY B 198 15.36 17.66 -18.31
C GLY B 198 15.89 17.56 -19.73
N LEU B 199 15.58 16.47 -20.41
CA LEU B 199 16.05 16.27 -21.78
C LEU B 199 15.36 17.22 -22.75
N GLY B 200 14.40 17.99 -22.23
CA GLY B 200 13.71 18.99 -23.02
C GLY B 200 12.74 18.65 -24.14
N THR B 201 12.10 17.49 -24.10
CA THR B 201 11.16 17.14 -25.16
C THR B 201 9.76 17.73 -24.84
N PRO B 202 8.90 17.86 -25.86
CA PRO B 202 7.55 18.41 -25.65
C PRO B 202 6.63 17.42 -24.93
N VAL B 203 6.88 16.13 -25.16
CA VAL B 203 6.11 15.06 -24.57
C VAL B 203 6.71 13.72 -25.01
N GLY B 204 6.37 12.65 -24.31
CA GLY B 204 6.89 11.35 -24.67
C GLY B 204 7.75 10.70 -23.60
N SER B 205 7.70 9.38 -23.55
CA SER B 205 8.46 8.57 -22.61
C SER B 205 8.81 7.24 -23.27
N LEU B 206 9.66 6.46 -22.62
CA LEU B 206 10.05 5.17 -23.15
C LEU B 206 10.08 4.12 -22.06
N LEU B 207 9.67 2.91 -22.42
CA LEU B 207 9.71 1.79 -21.50
C LEU B 207 10.59 0.84 -22.28
N VAL B 208 11.59 0.29 -21.62
CA VAL B 208 12.52 -0.60 -22.28
C VAL B 208 12.70 -1.89 -21.50
N GLY B 209 12.76 -3.00 -22.22
CA GLY B 209 12.93 -4.28 -21.57
C GLY B 209 13.17 -5.40 -22.55
N ASN B 210 12.87 -6.61 -22.12
CA ASN B 210 13.05 -7.80 -22.93
C ASN B 210 11.96 -7.87 -23.99
N ARG B 211 12.33 -8.35 -25.18
CA ARG B 211 11.40 -8.45 -26.31
C ARG B 211 10.00 -8.97 -26.00
N ASP B 212 9.91 -10.04 -25.21
CA ASP B 212 8.60 -10.61 -24.89
C ASP B 212 7.84 -9.70 -23.93
N TYR B 213 8.56 -9.11 -22.98
CA TYR B 213 7.95 -8.21 -22.01
C TYR B 213 7.34 -7.03 -22.77
N ILE B 214 8.14 -6.43 -23.64
CA ILE B 214 7.70 -5.29 -24.42
C ILE B 214 6.53 -5.63 -25.32
N LYS B 215 6.50 -6.85 -25.85
CA LYS B 215 5.39 -7.24 -26.72
C LYS B 215 4.09 -7.13 -25.92
N ARG B 216 4.10 -7.59 -24.67
CA ARG B 216 2.93 -7.50 -23.82
C ARG B 216 2.62 -6.03 -23.54
N ALA B 217 3.67 -5.25 -23.24
CA ALA B 217 3.50 -3.83 -22.96
C ALA B 217 2.76 -3.14 -24.10
N ILE B 218 2.89 -3.67 -25.31
CA ILE B 218 2.23 -3.09 -26.46
C ILE B 218 0.72 -3.32 -26.39
N ARG B 219 0.32 -4.46 -25.85
CA ARG B 219 -1.10 -4.73 -25.71
C ARG B 219 -1.69 -3.79 -24.66
N TRP B 220 -0.94 -3.53 -23.59
CA TRP B 220 -1.42 -2.66 -22.52
C TRP B 220 -1.45 -1.19 -22.90
N ARG B 221 -0.44 -0.75 -23.65
CA ARG B 221 -0.38 0.64 -24.09
C ARG B 221 -1.59 0.97 -24.97
N LYS B 222 -2.06 -0.03 -25.71
CA LYS B 222 -3.20 0.17 -26.57
C LYS B 222 -4.45 0.30 -25.73
N MET B 223 -4.66 -0.65 -24.83
CA MET B 223 -5.82 -0.65 -23.98
C MET B 223 -5.94 0.64 -23.19
N THR B 224 -4.83 1.09 -22.61
CA THR B 224 -4.82 2.32 -21.81
C THR B 224 -4.97 3.58 -22.67
N GLY B 225 -4.78 3.45 -23.97
CA GLY B 225 -4.94 4.60 -24.86
C GLY B 225 -3.72 5.34 -25.35
N GLY B 226 -2.56 4.69 -25.33
CA GLY B 226 -1.34 5.33 -25.77
C GLY B 226 -0.85 4.90 -27.14
N GLY B 227 -1.66 4.12 -27.85
CA GLY B 227 -1.27 3.66 -29.18
C GLY B 227 -1.57 4.70 -30.25
N MET B 228 -0.70 5.70 -30.36
CA MET B 228 -0.88 6.78 -31.34
C MET B 228 -0.51 6.41 -32.78
N ARG B 229 -0.73 7.36 -33.68
CA ARG B 229 -0.46 7.16 -35.10
C ARG B 229 0.89 7.72 -35.55
N GLN B 230 0.87 8.87 -36.22
CA GLN B 230 2.10 9.49 -36.69
C GLN B 230 2.84 10.17 -35.54
N SER B 231 3.15 9.40 -34.51
CA SER B 231 3.86 9.92 -33.34
C SER B 231 5.37 10.08 -33.58
N GLY B 232 5.82 9.73 -34.78
CA GLY B 232 7.23 9.87 -35.09
C GLY B 232 7.66 11.32 -34.99
N ILE B 233 6.68 12.21 -35.14
CA ILE B 233 6.92 13.64 -35.05
C ILE B 233 7.41 13.95 -33.65
N LEU B 234 6.84 13.23 -32.69
CA LEU B 234 7.20 13.41 -31.29
C LEU B 234 8.49 12.65 -31.03
N ALA B 235 8.54 11.41 -31.51
CA ALA B 235 9.70 10.56 -31.34
C ALA B 235 10.96 11.23 -31.88
N ALA B 236 10.78 12.10 -32.86
CA ALA B 236 11.91 12.82 -33.46
C ALA B 236 12.60 13.71 -32.44
N ALA B 237 11.81 14.45 -31.66
CA ALA B 237 12.35 15.33 -30.63
C ALA B 237 13.15 14.48 -29.64
N GLY B 238 12.67 13.27 -29.41
CA GLY B 238 13.35 12.37 -28.49
C GLY B 238 14.77 12.03 -28.93
N MET B 239 14.91 11.64 -30.20
CA MET B 239 16.23 11.30 -30.73
C MET B 239 17.13 12.51 -30.63
N TYR B 240 16.63 13.65 -31.10
CA TYR B 240 17.40 14.88 -31.04
C TYR B 240 17.81 15.12 -29.60
N ALA B 241 16.88 14.95 -28.67
CA ALA B 241 17.15 15.17 -27.27
C ALA B 241 18.21 14.21 -26.71
N LEU B 242 18.13 12.94 -27.10
CA LEU B 242 19.08 11.93 -26.61
C LEU B 242 20.49 12.08 -27.18
N LYS B 243 20.59 12.76 -28.32
CA LYS B 243 21.89 12.93 -28.95
C LYS B 243 22.54 14.29 -28.66
N ASN B 244 21.79 15.20 -28.03
CA ASN B 244 22.32 16.52 -27.76
C ASN B 244 22.08 17.10 -26.38
N ASN B 245 21.10 16.58 -25.65
CA ASN B 245 20.80 17.14 -24.35
C ASN B 245 21.19 16.35 -23.11
N VAL B 246 21.94 15.27 -23.29
CA VAL B 246 22.33 14.47 -22.13
C VAL B 246 23.48 15.11 -21.36
N ALA B 247 24.58 15.38 -22.06
CA ALA B 247 25.75 15.97 -21.42
C ALA B 247 25.50 17.29 -20.71
N ARG B 248 24.73 18.18 -21.33
CA ARG B 248 24.48 19.48 -20.72
C ARG B 248 23.68 19.45 -19.43
N LEU B 249 23.26 18.26 -18.99
CA LEU B 249 22.51 18.17 -17.73
C LEU B 249 23.44 18.56 -16.60
N GLN B 250 24.74 18.38 -16.84
CA GLN B 250 25.75 18.73 -15.88
C GLN B 250 25.63 20.23 -15.59
N GLU B 251 25.19 20.99 -16.60
CA GLU B 251 25.03 22.43 -16.42
C GLU B 251 23.91 22.73 -15.44
N ASP B 252 22.84 21.94 -15.49
CA ASP B 252 21.75 22.15 -14.56
C ASP B 252 22.26 21.81 -13.16
N HIS B 253 22.98 20.71 -13.04
CA HIS B 253 23.51 20.29 -11.75
C HIS B 253 24.39 21.36 -11.13
N ASP B 254 25.32 21.91 -11.91
CA ASP B 254 26.20 22.95 -11.40
C ASP B 254 25.42 24.18 -10.95
N ASN B 255 24.40 24.53 -11.74
CA ASN B 255 23.57 25.69 -11.41
C ASN B 255 22.83 25.47 -10.09
N THR B 256 22.24 24.28 -9.92
CA THR B 256 21.52 23.98 -8.69
C THR B 256 22.50 24.06 -7.53
N ALA B 257 23.68 23.50 -7.73
CA ALA B 257 24.73 23.51 -6.72
C ALA B 257 25.18 24.95 -6.51
N TRP B 258 25.04 25.76 -7.56
CA TRP B 258 25.42 27.16 -7.48
C TRP B 258 24.39 27.94 -6.71
N MET B 259 23.14 27.80 -7.13
CA MET B 259 22.04 28.51 -6.50
C MET B 259 22.03 28.24 -5.01
N ALA B 260 22.35 26.99 -4.65
CA ALA B 260 22.38 26.56 -3.26
C ALA B 260 23.31 27.41 -2.41
N GLU B 261 24.49 27.71 -2.92
CA GLU B 261 25.44 28.51 -2.17
C GLU B 261 24.94 29.95 -2.08
N GLN B 262 24.39 30.44 -3.19
CA GLN B 262 23.87 31.81 -3.23
C GLN B 262 22.71 31.99 -2.22
N LEU B 263 21.71 31.12 -2.31
CA LEU B 263 20.57 31.20 -1.42
C LEU B 263 21.04 31.00 0.03
N ARG B 264 21.97 30.09 0.22
CA ARG B 264 22.51 29.81 1.55
C ARG B 264 23.20 31.07 2.05
N GLU B 265 24.13 31.58 1.25
CA GLU B 265 24.85 32.80 1.59
C GLU B 265 23.95 34.00 1.33
N ALA B 266 22.70 33.90 1.75
CA ALA B 266 21.74 34.98 1.55
C ALA B 266 20.68 34.95 2.64
N GLY B 267 20.76 33.96 3.52
CA GLY B 267 19.81 33.85 4.61
C GLY B 267 18.78 32.76 4.44
N ALA B 268 18.81 32.06 3.30
CA ALA B 268 17.86 30.99 3.04
C ALA B 268 18.30 29.72 3.74
N ASP B 269 17.32 28.90 4.13
CA ASP B 269 17.62 27.63 4.80
C ASP B 269 17.57 26.50 3.79
N VAL B 270 18.73 26.13 3.28
CA VAL B 270 18.83 25.06 2.30
C VAL B 270 18.93 23.71 2.97
N MET B 271 17.87 22.92 2.92
CA MET B 271 17.87 21.60 3.53
C MET B 271 18.84 20.67 2.80
N ARG B 272 18.62 20.47 1.50
CA ARG B 272 19.48 19.61 0.72
C ARG B 272 19.45 19.96 -0.75
N GLN B 273 20.44 19.44 -1.47
CA GLN B 273 20.57 19.68 -2.90
C GLN B 273 21.06 18.41 -3.58
N ASP B 274 20.30 17.94 -4.57
CA ASP B 274 20.64 16.74 -5.33
C ASP B 274 20.37 17.02 -6.81
N THR B 275 21.33 16.69 -7.68
CA THR B 275 21.21 16.94 -9.12
C THR B 275 20.51 18.28 -9.37
N ASN B 276 19.56 18.30 -10.30
CA ASN B 276 18.87 19.55 -10.62
C ASN B 276 17.83 20.01 -9.61
N MET B 277 17.87 19.46 -8.40
CA MET B 277 16.91 19.87 -7.38
C MET B 277 17.49 20.44 -6.10
N LEU B 278 16.80 21.45 -5.58
CA LEU B 278 17.18 22.16 -4.36
C LEU B 278 15.96 22.28 -3.46
N PHE B 279 16.17 22.21 -2.14
CA PHE B 279 15.07 22.32 -1.19
C PHE B 279 15.38 23.35 -0.12
N VAL B 280 14.46 24.29 0.05
CA VAL B 280 14.61 25.37 1.03
C VAL B 280 13.40 25.39 1.96
N ARG B 281 13.65 25.29 3.27
CA ARG B 281 12.55 25.33 4.21
C ARG B 281 12.19 26.79 4.44
N VAL B 282 11.04 27.20 3.92
CA VAL B 282 10.57 28.57 4.05
C VAL B 282 9.64 28.71 5.24
N GLY B 283 8.78 27.70 5.43
CA GLY B 283 7.84 27.73 6.54
C GLY B 283 6.51 28.36 6.19
N GLU B 284 5.52 28.11 7.02
CA GLU B 284 4.17 28.63 6.86
C GLU B 284 4.15 30.13 6.58
N GLU B 285 4.41 30.89 7.64
CA GLU B 285 4.41 32.35 7.62
C GLU B 285 5.02 33.02 6.39
N ASN B 286 6.01 32.40 5.77
CA ASN B 286 6.65 32.99 4.60
C ASN B 286 6.38 32.26 3.30
N ALA B 287 5.79 31.07 3.41
CA ALA B 287 5.48 30.25 2.24
C ALA B 287 4.68 31.01 1.18
N ALA B 288 3.37 31.12 1.39
CA ALA B 288 2.50 31.81 0.45
C ALA B 288 2.99 33.22 0.15
N ALA B 289 3.58 33.87 1.15
CA ALA B 289 4.09 35.23 0.98
C ALA B 289 5.27 35.24 0.02
N LEU B 290 6.00 34.13 -0.04
CA LEU B 290 7.14 34.03 -0.92
C LEU B 290 6.67 33.84 -2.35
N GLY B 291 5.70 32.95 -2.53
CA GLY B 291 5.18 32.69 -3.85
C GLY B 291 4.67 33.94 -4.56
N GLU B 292 4.04 34.82 -3.79
CA GLU B 292 3.50 36.06 -4.33
C GLU B 292 4.63 37.03 -4.70
N TYR B 293 5.56 37.22 -3.78
CA TYR B 293 6.68 38.11 -4.01
C TYR B 293 7.38 37.73 -5.31
N MET B 294 7.55 36.43 -5.53
CA MET B 294 8.20 35.92 -6.74
C MET B 294 7.29 36.03 -7.95
N LYS B 295 6.10 35.45 -7.84
CA LYS B 295 5.12 35.46 -8.91
C LYS B 295 5.06 36.80 -9.63
N ALA B 296 5.21 37.89 -8.87
CA ALA B 296 5.17 39.24 -9.42
C ALA B 296 6.35 39.51 -10.35
N ARG B 297 7.55 39.18 -9.88
CA ARG B 297 8.77 39.39 -10.65
C ARG B 297 8.92 38.31 -11.72
N ASN B 298 7.83 37.62 -12.01
CA ASN B 298 7.80 36.55 -13.02
C ASN B 298 8.51 35.26 -12.60
N VAL B 299 9.06 35.22 -11.40
CA VAL B 299 9.72 34.01 -10.93
C VAL B 299 8.67 33.09 -10.32
N LEU B 300 8.52 31.91 -10.90
CA LEU B 300 7.52 30.95 -10.45
C LEU B 300 8.08 29.79 -9.64
N ILE B 301 7.69 29.70 -8.38
CA ILE B 301 8.16 28.62 -7.52
C ILE B 301 7.00 28.04 -6.72
N ASN B 302 6.85 26.73 -6.76
CA ASN B 302 5.78 26.08 -6.03
C ASN B 302 5.91 26.42 -4.55
N ALA B 303 5.09 27.37 -4.10
CA ALA B 303 5.12 27.81 -2.71
C ALA B 303 4.81 26.65 -1.78
N SER B 304 5.34 26.73 -0.57
CA SER B 304 5.15 25.68 0.44
C SER B 304 6.14 25.92 1.56
N PRO B 305 5.87 25.36 2.75
CA PRO B 305 6.81 25.57 3.85
C PRO B 305 8.19 25.10 3.40
N ILE B 306 8.21 24.11 2.51
CA ILE B 306 9.46 23.58 1.97
C ILE B 306 9.37 23.65 0.44
N VAL B 307 10.00 24.66 -0.13
CA VAL B 307 10.00 24.88 -1.57
C VAL B 307 10.98 23.99 -2.32
N ARG B 308 10.55 23.43 -3.45
CA ARG B 308 11.42 22.59 -4.27
C ARG B 308 11.77 23.32 -5.56
N LEU B 309 13.02 23.76 -5.67
CA LEU B 309 13.47 24.46 -6.86
C LEU B 309 14.11 23.49 -7.84
N VAL B 310 13.60 23.46 -9.08
CA VAL B 310 14.11 22.57 -10.12
C VAL B 310 14.76 23.32 -11.28
N THR B 311 16.04 23.07 -11.53
CA THR B 311 16.74 23.72 -12.64
C THR B 311 16.62 22.88 -13.91
N HIS B 312 16.74 23.55 -15.06
CA HIS B 312 16.63 22.87 -16.35
C HIS B 312 17.18 23.76 -17.46
N LEU B 313 17.23 23.23 -18.68
CA LEU B 313 17.77 23.98 -19.80
C LEU B 313 17.13 25.32 -20.11
N ASP B 314 15.93 25.58 -19.61
CA ASP B 314 15.28 26.86 -19.88
C ASP B 314 15.49 27.91 -18.79
N VAL B 315 16.38 27.63 -17.84
CA VAL B 315 16.65 28.58 -16.77
C VAL B 315 18.17 28.73 -16.69
N SER B 316 18.65 29.92 -17.03
CA SER B 316 20.08 30.22 -17.03
C SER B 316 20.56 30.63 -15.65
N ARG B 317 21.87 30.54 -15.43
CA ARG B 317 22.42 30.92 -14.14
C ARG B 317 22.14 32.41 -13.94
N ALA B 318 22.37 33.18 -14.99
CA ALA B 318 22.12 34.62 -14.93
C ALA B 318 20.72 34.84 -14.38
N GLN B 319 19.77 34.06 -14.89
CA GLN B 319 18.39 34.18 -14.42
C GLN B 319 18.32 33.74 -12.96
N LEU B 320 19.09 32.72 -12.61
CA LEU B 320 19.12 32.22 -11.24
C LEU B 320 19.65 33.32 -10.33
N ALA B 321 20.75 33.96 -10.75
CA ALA B 321 21.35 35.04 -9.99
C ALA B 321 20.29 36.08 -9.69
N GLU B 322 19.43 36.33 -10.68
CA GLU B 322 18.37 37.30 -10.51
C GLU B 322 17.42 36.85 -9.40
N VAL B 323 16.88 35.63 -9.53
CA VAL B 323 15.98 35.11 -8.51
C VAL B 323 16.68 35.23 -7.16
N ALA B 324 17.91 34.75 -7.08
CA ALA B 324 18.69 34.82 -5.85
C ALA B 324 18.51 36.20 -5.23
N ALA B 325 18.94 37.23 -5.95
CA ALA B 325 18.80 38.59 -5.47
C ALA B 325 17.38 38.79 -4.94
N HIS B 326 16.40 38.48 -5.79
CA HIS B 326 14.99 38.63 -5.43
C HIS B 326 14.62 37.87 -4.15
N TRP B 327 15.46 36.93 -3.74
CA TRP B 327 15.21 36.15 -2.54
C TRP B 327 15.93 36.81 -1.36
N ARG B 328 17.08 37.42 -1.63
CA ARG B 328 17.83 38.09 -0.58
C ARG B 328 17.11 39.39 -0.25
N ALA B 329 16.20 39.79 -1.14
CA ALA B 329 15.43 41.01 -0.97
C ALA B 329 14.11 40.69 -0.26
N PHE B 330 13.80 39.39 -0.19
CA PHE B 330 12.57 38.95 0.47
C PHE B 330 12.71 39.09 1.97
N LEU B 331 13.95 39.02 2.46
CA LEU B 331 14.21 39.15 3.89
C LEU B 331 14.59 40.59 4.21
N ALA B 332 13.58 41.39 4.52
CA ALA B 332 13.74 42.80 4.87
C ALA B 332 12.38 43.48 4.83
#